data_3R74
#
_entry.id   3R74
#
_cell.length_a   172.360
_cell.length_b   172.360
_cell.length_c   216.440
_cell.angle_alpha   90.000
_cell.angle_beta   90.000
_cell.angle_gamma   120.000
#
_symmetry.space_group_name_H-M   'P 62 2 2'
#
loop_
_entity.id
_entity.type
_entity.pdbx_description
1 polymer 'Anthranilate/para-aminobenzoate synthases component I'
2 water water
#
_entity_poly.entity_id   1
_entity_poly.type   'polypeptide(L)'
_entity_poly.pdbx_seq_one_letter_code
;GHMNAAPNRNLFDRVLHGQAPCFALIARSTGSAGERAMIDVFAGAVSYPSSLAELPLAAPTATGADRQELLVMVPYRQLH
ERGFKTHDDGAPLVAITCDEHETVSAQLALAAIPDADTALGERHFDIDDEAYAEIVERVITDEIGTGAGSNFVIKRTLEG
DLDDYSPAKALAVFKRLMRREVGAYWIFVIHTGERTFVGATPERHLTLHEGCATMNPISGTYRYPQSGPTIDGINAFLGD
RKESDELYMVLDEELKMMARICPAGGQVTGPHLREMARLAHTEYFIVGHTEADVRDLLRETMFAPTVTGSPIESATRVIA
RHERAGRGYYSGIAALIGRDARGGRTLDSAILIRTAEIDRAGHVRIGVGSTLVRHSDAVSEVMETHAKVAALSNAFDPPE
AGPALGQHPSVQAALRERNEGIADFWFRPYGGRQGEMADELAELSGCRALIVDAEDHFTAMIAQQLSSLGLATEVCGVHD
AVDLARYDVVVMGPGPGDPSDAGDPRIARLYAWLRHLIDEGKPFMAVCLSHQILNAILGIPLVRREVPNQGIQVEIDLFG
QRERVGFYNTYVAQTVRDEMDVDGVGTVAISRDPRTGEVHALRGPTFSSMQFHAESVLTVDGPRILGEAITHAIRREKRM
TALTA
;
_entity_poly.pdbx_strand_id   A,B
#
# COMPACT_ATOMS: atom_id res chain seq x y z
N ASN A 8 -6.64 -41.81 -0.53
CA ASN A 8 -5.23 -41.30 -0.49
C ASN A 8 -5.19 -39.73 -0.61
N ARG A 9 -4.84 -39.20 -1.80
CA ARG A 9 -5.40 -37.96 -2.34
C ARG A 9 -6.49 -38.38 -3.31
N ASN A 10 -6.80 -39.67 -3.34
CA ASN A 10 -7.96 -40.21 -4.05
C ASN A 10 -9.08 -39.19 -4.29
N LEU A 11 -9.47 -38.46 -3.25
CA LEU A 11 -10.60 -37.51 -3.40
C LEU A 11 -10.22 -36.31 -4.26
N PHE A 12 -9.11 -35.69 -3.91
CA PHE A 12 -8.66 -34.48 -4.56
C PHE A 12 -8.39 -34.73 -6.04
N ASP A 13 -7.74 -35.86 -6.33
CA ASP A 13 -7.60 -36.37 -7.68
C ASP A 13 -8.96 -36.53 -8.35
N ARG A 14 -9.93 -36.97 -7.60
CA ARG A 14 -11.26 -37.11 -8.19
C ARG A 14 -11.86 -35.78 -8.54
N VAL A 15 -11.58 -34.77 -7.72
CA VAL A 15 -12.09 -33.44 -7.94
C VAL A 15 -11.38 -32.88 -9.14
N LEU A 16 -10.06 -33.02 -9.13
CA LEU A 16 -9.24 -32.46 -10.18
C LEU A 16 -9.57 -32.94 -11.56
N HIS A 17 -10.12 -34.13 -11.70
CA HIS A 17 -10.36 -34.71 -13.05
C HIS A 17 -11.82 -34.75 -13.42
N GLY A 18 -12.63 -34.00 -12.70
CA GLY A 18 -14.01 -33.85 -13.08
C GLY A 18 -14.84 -35.01 -12.65
N GLN A 19 -14.39 -35.77 -11.68
CA GLN A 19 -15.12 -36.98 -11.31
C GLN A 19 -15.86 -36.95 -9.96
N ALA A 20 -16.02 -35.77 -9.38
CA ALA A 20 -16.80 -35.61 -8.17
C ALA A 20 -17.96 -34.67 -8.51
N PRO A 21 -19.19 -35.20 -8.55
CA PRO A 21 -20.37 -34.38 -8.89
C PRO A 21 -20.70 -33.39 -7.80
N CYS A 22 -20.23 -33.66 -6.60
CA CYS A 22 -20.45 -32.79 -5.47
C CYS A 22 -19.21 -32.75 -4.60
N PHE A 23 -18.58 -31.61 -4.45
CA PHE A 23 -17.43 -31.54 -3.57
C PHE A 23 -17.24 -30.16 -3.00
N ALA A 24 -16.32 -30.04 -2.05
CA ALA A 24 -15.89 -28.76 -1.57
C ALA A 24 -14.41 -28.80 -1.31
N LEU A 25 -13.73 -27.70 -1.65
CA LEU A 25 -12.43 -27.46 -1.12
C LEU A 25 -12.54 -26.27 -0.23
N ILE A 26 -12.08 -26.39 1.00
CA ILE A 26 -12.13 -25.27 1.90
C ILE A 26 -10.77 -25.19 2.57
N ALA A 27 -10.15 -24.00 2.51
CA ALA A 27 -8.84 -23.71 3.02
C ALA A 27 -9.09 -22.77 4.16
N ARG A 28 -8.86 -23.26 5.37
CA ARG A 28 -9.35 -22.58 6.56
C ARG A 28 -8.22 -22.02 7.27
N SER A 29 -8.46 -20.93 7.96
CA SER A 29 -7.41 -20.29 8.71
C SER A 29 -7.16 -21.24 9.87
N THR A 30 -8.24 -21.66 10.54
CA THR A 30 -8.19 -22.49 11.76
C THR A 30 -7.45 -23.85 11.54
N GLY A 31 -6.14 -23.78 11.73
CA GLY A 31 -5.24 -24.93 11.81
C GLY A 31 -4.17 -24.70 12.88
N SER A 32 -3.65 -23.47 12.95
CA SER A 32 -2.72 -23.00 14.01
C SER A 32 -1.38 -22.44 13.51
N ALA A 33 -1.40 -21.68 12.41
CA ALA A 33 -0.19 -21.02 11.84
C ALA A 33 1.03 -21.96 11.70
N GLY A 34 0.78 -23.24 11.43
CA GLY A 34 1.78 -24.32 11.54
C GLY A 34 3.03 -24.29 10.68
N GLU A 35 2.98 -23.59 9.54
CA GLU A 35 4.06 -23.59 8.52
C GLU A 35 3.91 -24.73 7.47
N ARG A 36 2.66 -24.94 7.04
CA ARG A 36 2.26 -25.77 5.88
C ARG A 36 0.72 -25.78 5.85
N ALA A 37 0.16 -24.78 5.17
CA ALA A 37 -1.30 -24.60 4.97
C ALA A 37 -1.96 -25.77 4.23
N MET A 38 -3.13 -26.18 4.75
CA MET A 38 -3.77 -27.42 4.36
C MET A 38 -5.12 -27.08 3.80
N ILE A 39 -5.56 -27.77 2.78
CA ILE A 39 -6.88 -27.57 2.22
C ILE A 39 -7.72 -28.77 2.62
N ASP A 40 -8.92 -28.57 3.12
CA ASP A 40 -9.82 -29.65 3.44
C ASP A 40 -10.62 -30.00 2.15
N VAL A 41 -10.71 -31.29 1.82
CA VAL A 41 -11.52 -31.69 0.71
C VAL A 41 -12.64 -32.69 1.11
N PHE A 42 -13.86 -32.43 0.62
CA PHE A 42 -15.09 -33.08 1.06
C PHE A 42 -15.91 -33.51 -0.15
N ALA A 43 -16.67 -34.58 0.02
CA ALA A 43 -17.57 -35.05 -1.01
C ALA A 43 -18.69 -35.74 -0.26
N GLY A 44 -19.93 -35.61 -0.73
CA GLY A 44 -21.02 -36.41 -0.18
C GLY A 44 -22.32 -36.15 -0.90
N ALA A 45 -23.42 -36.52 -0.28
CA ALA A 45 -24.78 -36.31 -0.85
C ALA A 45 -25.25 -34.88 -0.59
N VAL A 46 -25.87 -34.25 -1.56
CA VAL A 46 -26.55 -32.97 -1.38
C VAL A 46 -28.01 -33.17 -1.03
N SER A 47 -28.49 -32.43 -0.06
CA SER A 47 -29.89 -32.50 0.29
C SER A 47 -30.33 -31.10 0.65
N TYR A 48 -31.64 -30.86 0.57
CA TYR A 48 -32.24 -29.55 0.81
C TYR A 48 -33.27 -29.65 1.92
N PRO A 49 -32.82 -29.67 3.17
CA PRO A 49 -33.77 -29.67 4.28
C PRO A 49 -34.68 -28.48 4.21
N SER A 50 -35.86 -28.66 4.78
CA SER A 50 -36.87 -27.62 4.72
C SER A 50 -36.77 -26.62 5.85
N SER A 51 -35.88 -26.83 6.82
CA SER A 51 -35.60 -25.82 7.88
C SER A 51 -34.38 -26.20 8.64
N LEU A 52 -33.87 -25.28 9.43
CA LEU A 52 -32.71 -25.59 10.28
C LEU A 52 -33.04 -26.75 11.20
N ALA A 53 -34.26 -26.84 11.70
CA ALA A 53 -34.59 -27.91 12.66
C ALA A 53 -34.28 -29.14 11.98
N GLU A 54 -34.58 -29.20 10.70
CA GLU A 54 -34.52 -30.48 9.98
C GLU A 54 -33.18 -30.79 9.29
N LEU A 55 -32.08 -30.16 9.73
CA LEU A 55 -30.78 -30.50 9.19
C LEU A 55 -30.47 -31.96 9.56
N PRO A 56 -30.09 -32.81 8.60
CA PRO A 56 -29.78 -34.23 8.85
C PRO A 56 -28.54 -34.51 9.73
N LEU A 57 -28.70 -34.43 11.04
CA LEU A 57 -27.64 -34.70 12.00
C LEU A 57 -27.91 -35.97 12.81
N ALA A 58 -26.98 -36.92 12.71
CA ALA A 58 -26.93 -38.09 13.62
C ALA A 58 -27.07 -37.81 15.11
N ALA A 59 -27.37 -38.86 15.85
CA ALA A 59 -27.31 -38.81 17.32
C ALA A 59 -25.86 -38.71 17.64
N PRO A 60 -25.54 -37.99 18.69
CA PRO A 60 -24.12 -37.77 18.95
C PRO A 60 -23.35 -39.08 19.29
N THR A 61 -22.16 -39.22 18.70
CA THR A 61 -21.29 -40.34 18.96
C THR A 61 -19.83 -39.93 18.90
N ALA A 62 -18.94 -40.75 19.46
CA ALA A 62 -17.54 -40.38 19.52
C ALA A 62 -16.78 -41.47 18.81
N THR A 63 -16.04 -41.11 17.77
CA THR A 63 -15.26 -42.09 17.01
C THR A 63 -13.83 -42.14 17.44
N GLY A 64 -13.40 -41.15 18.22
CA GLY A 64 -12.04 -41.13 18.74
C GLY A 64 -11.13 -40.18 17.98
N ALA A 65 -11.52 -39.84 16.76
CA ALA A 65 -10.90 -38.74 15.99
C ALA A 65 -11.88 -37.57 15.84
N ASP A 66 -11.38 -36.35 15.75
CA ASP A 66 -12.19 -35.23 15.25
C ASP A 66 -12.73 -35.62 13.92
N ARG A 67 -13.90 -35.11 13.57
CA ARG A 67 -14.65 -35.59 12.45
C ARG A 67 -15.63 -34.55 11.99
N GLN A 68 -15.91 -34.48 10.69
CA GLN A 68 -16.85 -33.49 10.16
C GLN A 68 -18.09 -34.20 9.61
N GLU A 69 -19.29 -33.69 9.84
CA GLU A 69 -20.54 -34.40 9.52
C GLU A 69 -21.27 -33.72 8.36
N LEU A 70 -21.51 -32.41 8.42
CA LEU A 70 -22.30 -31.70 7.40
C LEU A 70 -21.64 -30.41 6.99
N LEU A 71 -21.74 -30.06 5.71
CA LEU A 71 -21.45 -28.68 5.27
C LEU A 71 -22.75 -28.03 4.81
N VAL A 72 -23.06 -26.84 5.31
CA VAL A 72 -24.39 -26.25 5.09
C VAL A 72 -24.32 -24.80 4.65
N MET A 73 -25.19 -24.45 3.71
CA MET A 73 -25.18 -23.11 3.15
C MET A 73 -26.50 -22.52 3.51
N VAL A 74 -26.47 -21.49 4.32
CA VAL A 74 -27.68 -20.89 4.78
C VAL A 74 -27.95 -19.60 4.01
N PRO A 75 -29.01 -19.54 3.23
CA PRO A 75 -29.34 -18.32 2.51
C PRO A 75 -29.99 -17.27 3.38
N TYR A 76 -29.98 -16.03 2.92
CA TYR A 76 -30.43 -14.88 3.70
C TYR A 76 -31.90 -15.02 3.97
N ARG A 77 -32.62 -15.56 3.03
CA ARG A 77 -34.03 -15.86 3.26
C ARG A 77 -34.32 -16.60 4.55
N GLN A 78 -33.30 -17.32 5.06
CA GLN A 78 -33.62 -18.23 6.12
C GLN A 78 -34.13 -17.47 7.32
N LEU A 79 -33.92 -16.13 7.36
CA LEU A 79 -34.48 -15.27 8.40
C LEU A 79 -35.99 -15.42 8.68
N HIS A 80 -36.79 -16.03 7.83
CA HIS A 80 -38.15 -16.19 8.24
C HIS A 80 -38.22 -17.04 9.48
N GLU A 81 -37.32 -18.01 9.60
CA GLU A 81 -37.19 -18.84 10.79
C GLU A 81 -37.12 -18.03 12.12
N ARG A 82 -36.81 -16.73 12.09
CA ARG A 82 -36.76 -15.91 13.28
C ARG A 82 -37.83 -14.85 13.31
N GLY A 83 -38.72 -14.89 12.34
CA GLY A 83 -39.76 -13.93 12.30
C GLY A 83 -39.37 -12.60 11.72
N PHE A 84 -38.23 -12.52 11.05
CA PHE A 84 -37.78 -11.26 10.47
C PHE A 84 -38.09 -11.24 8.98
N LYS A 85 -38.42 -10.06 8.47
CA LYS A 85 -38.83 -9.82 7.03
C LYS A 85 -37.59 -9.93 6.15
N THR A 86 -37.75 -10.52 4.98
CA THR A 86 -36.72 -10.50 3.93
C THR A 86 -37.35 -10.41 2.54
N HIS A 87 -36.65 -9.99 1.50
CA HIS A 87 -37.09 -10.42 0.22
C HIS A 87 -36.72 -11.89 0.11
N ASP A 88 -37.74 -12.64 -0.12
CA ASP A 88 -37.70 -14.07 -0.25
C ASP A 88 -37.67 -14.51 -1.71
N ASP A 89 -36.47 -14.85 -2.12
CA ASP A 89 -36.21 -15.37 -3.45
C ASP A 89 -36.20 -16.90 -3.51
N GLY A 90 -36.38 -17.53 -2.36
CA GLY A 90 -36.51 -18.97 -2.30
C GLY A 90 -35.23 -19.75 -2.39
N ALA A 91 -34.07 -19.10 -2.34
CA ALA A 91 -32.78 -19.85 -2.27
C ALA A 91 -32.97 -20.84 -1.22
N PRO A 92 -32.65 -22.09 -1.50
CA PRO A 92 -32.76 -23.17 -0.54
C PRO A 92 -31.60 -23.34 0.42
N LEU A 93 -31.84 -24.17 1.40
CA LEU A 93 -30.89 -24.42 2.47
C LEU A 93 -30.19 -25.65 1.96
N VAL A 94 -28.89 -25.65 1.92
CA VAL A 94 -28.17 -26.74 1.21
C VAL A 94 -27.33 -27.51 2.22
N ALA A 95 -27.52 -28.80 2.30
CA ALA A 95 -26.74 -29.59 3.24
C ALA A 95 -25.98 -30.58 2.43
N ILE A 96 -24.67 -30.63 2.61
CA ILE A 96 -23.80 -31.60 1.96
C ILE A 96 -23.22 -32.44 3.05
N THR A 97 -23.67 -33.65 3.10
CA THR A 97 -23.07 -34.64 3.94
C THR A 97 -21.57 -34.84 3.65
N CYS A 98 -20.75 -34.92 4.69
CA CYS A 98 -19.30 -35.12 4.51
C CYS A 98 -18.94 -36.58 4.60
N ASP A 99 -19.40 -37.36 3.64
CA ASP A 99 -19.13 -38.77 3.54
C ASP A 99 -17.65 -39.03 3.40
N GLU A 100 -16.94 -38.22 2.64
CA GLU A 100 -15.52 -38.32 2.48
C GLU A 100 -14.86 -37.04 2.91
N HIS A 101 -13.73 -37.14 3.59
CA HIS A 101 -12.98 -35.94 3.98
C HIS A 101 -11.49 -36.19 4.04
N GLU A 102 -10.76 -35.65 3.08
CA GLU A 102 -9.32 -35.64 3.08
C GLU A 102 -8.70 -34.27 3.19
N THR A 103 -7.39 -34.29 3.29
CA THR A 103 -6.57 -33.16 3.59
C THR A 103 -5.36 -33.15 2.68
N VAL A 104 -5.29 -32.19 1.78
CA VAL A 104 -4.05 -32.01 1.02
C VAL A 104 -3.32 -30.73 1.42
N SER A 105 -2.07 -30.63 0.99
CA SER A 105 -1.24 -29.46 1.23
C SER A 105 -1.54 -28.44 0.16
N ALA A 106 -1.76 -27.20 0.60
CA ALA A 106 -2.03 -26.12 -0.30
C ALA A 106 -0.93 -25.94 -1.35
N GLN A 107 0.31 -26.17 -0.97
CA GLN A 107 1.40 -25.99 -1.89
C GLN A 107 1.25 -26.99 -3.05
N LEU A 108 1.04 -28.28 -2.74
CA LEU A 108 0.88 -29.29 -3.79
C LEU A 108 -0.43 -29.12 -4.54
N ALA A 109 -1.45 -28.68 -3.82
CA ALA A 109 -2.78 -28.54 -4.41
C ALA A 109 -2.75 -27.53 -5.51
N LEU A 110 -2.18 -26.38 -5.21
CA LEU A 110 -2.17 -25.29 -6.16
C LEU A 110 -1.36 -25.65 -7.42
N ALA A 111 -0.15 -26.16 -7.26
CA ALA A 111 0.60 -26.72 -8.39
C ALA A 111 -0.25 -27.59 -9.36
N ALA A 112 -1.09 -28.44 -8.79
CA ALA A 112 -1.89 -29.41 -9.54
C ALA A 112 -3.10 -28.89 -10.27
N ILE A 113 -3.74 -27.81 -9.79
CA ILE A 113 -4.95 -27.28 -10.45
C ILE A 113 -4.56 -26.59 -11.75
N PRO A 114 -5.09 -27.07 -12.88
CA PRO A 114 -4.81 -26.34 -14.11
C PRO A 114 -5.51 -25.03 -14.23
N ASP A 115 -4.87 -24.12 -14.94
CA ASP A 115 -5.43 -22.83 -15.29
C ASP A 115 -6.57 -23.10 -16.26
N ALA A 116 -7.46 -22.14 -16.37
CA ALA A 116 -8.58 -22.22 -17.31
C ALA A 116 -8.92 -20.82 -17.71
N ASP A 117 -9.41 -20.64 -18.92
CA ASP A 117 -9.92 -19.35 -19.33
C ASP A 117 -11.23 -19.26 -18.62
N THR A 118 -11.32 -18.29 -17.71
CA THR A 118 -12.57 -17.99 -17.00
C THR A 118 -13.00 -16.51 -17.15
N ALA A 119 -12.75 -15.93 -18.32
CA ALA A 119 -13.27 -14.61 -18.65
C ALA A 119 -14.72 -14.49 -18.25
N LEU A 120 -15.08 -13.32 -17.74
CA LEU A 120 -16.44 -13.02 -17.27
C LEU A 120 -17.14 -12.04 -18.22
N GLY A 121 -18.03 -12.53 -19.05
CA GLY A 121 -18.66 -11.74 -20.10
C GLY A 121 -19.85 -10.93 -19.64
N GLU A 122 -20.23 -9.99 -20.46
CA GLU A 122 -21.27 -9.02 -20.16
C GLU A 122 -21.27 -8.69 -18.66
N ARG A 123 -20.16 -8.19 -18.12
CA ARG A 123 -20.10 -7.94 -16.69
C ARG A 123 -20.69 -6.58 -16.30
N HIS A 124 -21.58 -6.57 -15.32
CA HIS A 124 -22.24 -5.34 -14.92
C HIS A 124 -22.90 -5.48 -13.56
N PHE A 125 -23.21 -4.36 -12.92
CA PHE A 125 -23.96 -4.35 -11.67
C PHE A 125 -25.47 -4.29 -11.91
N ASP A 126 -26.20 -5.18 -11.27
CA ASP A 126 -27.60 -5.22 -11.52
C ASP A 126 -28.28 -3.85 -11.34
N ILE A 127 -27.94 -3.10 -10.31
CA ILE A 127 -28.37 -1.71 -10.08
C ILE A 127 -27.14 -0.81 -10.35
N ASP A 128 -27.26 0.17 -11.24
CA ASP A 128 -26.06 0.95 -11.59
C ASP A 128 -25.73 2.09 -10.62
N ASP A 129 -24.56 2.69 -10.84
CA ASP A 129 -23.93 3.62 -9.92
C ASP A 129 -24.80 4.80 -9.54
N GLU A 130 -25.62 5.25 -10.49
CA GLU A 130 -26.53 6.37 -10.23
C GLU A 130 -27.71 5.88 -9.40
N ALA A 131 -28.27 4.72 -9.75
CA ALA A 131 -29.43 4.20 -8.99
C ALA A 131 -29.06 3.86 -7.54
N TYR A 132 -27.89 3.23 -7.38
CA TYR A 132 -27.40 2.77 -6.08
C TYR A 132 -27.12 3.98 -5.19
N ALA A 133 -26.55 5.04 -5.77
CA ALA A 133 -26.29 6.27 -4.99
C ALA A 133 -27.58 6.85 -4.44
N GLU A 134 -28.66 6.70 -5.19
CA GLU A 134 -29.95 7.14 -4.68
C GLU A 134 -30.38 6.29 -3.49
N ILE A 135 -30.37 4.98 -3.65
CA ILE A 135 -30.80 4.09 -2.59
C ILE A 135 -30.00 4.33 -1.32
N VAL A 136 -28.70 4.38 -1.47
CA VAL A 136 -27.84 4.65 -0.35
C VAL A 136 -28.20 5.99 0.34
N GLU A 137 -28.41 7.05 -0.45
CA GLU A 137 -28.75 8.35 0.13
C GLU A 137 -30.02 8.22 0.93
N ARG A 138 -31.01 7.55 0.37
CA ARG A 138 -32.26 7.41 1.09
C ARG A 138 -32.06 6.77 2.44
N VAL A 139 -31.20 5.76 2.50
CA VAL A 139 -30.98 5.04 3.73
C VAL A 139 -30.24 5.94 4.71
N ILE A 140 -29.17 6.60 4.25
CA ILE A 140 -28.42 7.47 5.16
C ILE A 140 -29.30 8.58 5.71
N THR A 141 -30.21 9.09 4.91
CA THR A 141 -31.00 10.22 5.35
C THR A 141 -32.31 9.85 5.98
N ASP A 142 -33.04 8.95 5.36
CA ASP A 142 -34.36 8.61 5.86
C ASP A 142 -34.35 7.60 6.98
N GLU A 143 -33.35 6.73 7.04
CA GLU A 143 -33.37 5.70 8.05
C GLU A 143 -32.42 6.03 9.17
N ILE A 144 -31.11 5.97 8.90
CA ILE A 144 -30.08 6.29 9.90
C ILE A 144 -30.32 7.67 10.51
N GLY A 145 -30.50 8.69 9.66
CA GLY A 145 -30.69 10.02 10.14
C GLY A 145 -31.92 10.22 11.01
N THR A 146 -32.82 9.26 10.93
CA THR A 146 -34.09 9.37 11.56
C THR A 146 -34.22 8.60 12.83
N GLY A 147 -33.27 7.72 13.08
CA GLY A 147 -33.28 6.95 14.30
C GLY A 147 -33.52 5.45 14.12
N ALA A 148 -33.72 4.98 12.88
CA ALA A 148 -34.07 3.60 12.63
C ALA A 148 -33.00 2.69 13.19
N GLY A 149 -31.76 3.18 13.12
CA GLY A 149 -30.63 2.37 13.53
C GLY A 149 -29.29 3.03 13.22
N SER A 150 -28.25 2.49 13.82
CA SER A 150 -26.95 3.14 13.85
C SER A 150 -26.20 2.87 12.54
N ASN A 151 -26.18 1.63 12.07
CA ASN A 151 -25.54 1.34 10.79
C ASN A 151 -26.25 0.22 10.15
N PHE A 152 -26.07 0.12 8.84
CA PHE A 152 -26.85 -0.74 7.99
C PHE A 152 -26.02 -1.18 6.79
N VAL A 153 -26.23 -2.41 6.33
CA VAL A 153 -25.55 -2.89 5.18
C VAL A 153 -26.49 -3.02 4.01
N ILE A 154 -26.21 -2.29 2.94
CA ILE A 154 -27.03 -2.30 1.73
C ILE A 154 -26.18 -2.83 0.55
N LYS A 155 -26.78 -3.70 -0.26
CA LYS A 155 -26.05 -4.54 -1.22
C LYS A 155 -26.50 -4.36 -2.65
N ARG A 156 -25.59 -4.46 -3.62
CA ARG A 156 -25.93 -4.66 -5.00
C ARG A 156 -25.15 -5.83 -5.58
N THR A 157 -25.47 -6.31 -6.79
CA THR A 157 -24.87 -7.55 -7.29
C THR A 157 -24.10 -7.35 -8.59
N LEU A 158 -22.86 -7.80 -8.64
CA LEU A 158 -22.13 -7.91 -9.90
C LEU A 158 -22.59 -9.14 -10.58
N GLU A 159 -22.89 -9.02 -11.87
CA GLU A 159 -23.31 -10.15 -12.67
C GLU A 159 -22.41 -10.26 -13.89
N GLY A 160 -22.25 -11.50 -14.34
CA GLY A 160 -21.42 -11.82 -15.50
C GLY A 160 -21.64 -13.25 -15.97
N ASP A 161 -21.05 -13.57 -17.10
CA ASP A 161 -21.29 -14.85 -17.72
C ASP A 161 -20.01 -15.55 -18.02
N LEU A 162 -19.94 -16.83 -17.70
CA LEU A 162 -18.78 -17.66 -18.00
C LEU A 162 -19.12 -18.52 -19.20
N ASP A 163 -18.28 -18.49 -20.23
CA ASP A 163 -18.50 -19.33 -21.38
C ASP A 163 -18.19 -20.79 -21.07
N ASP A 164 -19.00 -21.69 -21.56
CA ASP A 164 -18.70 -23.09 -21.40
C ASP A 164 -18.27 -23.39 -19.98
N TYR A 165 -19.16 -23.09 -19.05
CA TYR A 165 -18.93 -23.34 -17.61
C TYR A 165 -18.82 -24.81 -17.25
N SER A 166 -18.11 -25.08 -16.16
CA SER A 166 -17.93 -26.43 -15.57
C SER A 166 -17.03 -26.20 -14.36
N PRO A 167 -16.93 -27.17 -13.44
CA PRO A 167 -16.12 -27.05 -12.25
C PRO A 167 -14.66 -26.75 -12.54
N ALA A 168 -14.18 -27.12 -13.73
CA ALA A 168 -12.78 -26.84 -14.08
C ALA A 168 -12.54 -25.35 -13.88
N LYS A 169 -13.49 -24.55 -14.30
CA LYS A 169 -13.35 -23.14 -14.22
C LYS A 169 -13.38 -22.70 -12.78
N ALA A 170 -14.32 -23.21 -11.98
CA ALA A 170 -14.39 -22.78 -10.55
C ALA A 170 -13.08 -23.08 -9.84
N LEU A 171 -12.46 -24.21 -10.17
CA LEU A 171 -11.21 -24.64 -9.51
C LEU A 171 -10.13 -23.65 -9.85
N ALA A 172 -10.11 -23.25 -11.13
CA ALA A 172 -9.20 -22.26 -11.62
C ALA A 172 -9.35 -20.93 -10.87
N VAL A 173 -10.58 -20.49 -10.64
CA VAL A 173 -10.76 -19.25 -9.90
C VAL A 173 -10.26 -19.45 -8.49
N PHE A 174 -10.52 -20.61 -7.93
CA PHE A 174 -10.12 -20.91 -6.56
C PHE A 174 -8.64 -20.86 -6.42
N LYS A 175 -7.94 -21.35 -7.43
CA LYS A 175 -6.49 -21.37 -7.40
C LYS A 175 -5.96 -19.94 -7.35
N ARG A 176 -6.50 -19.06 -8.18
CA ARG A 176 -6.03 -17.69 -8.24
C ARG A 176 -6.27 -17.03 -6.93
N LEU A 177 -7.40 -17.36 -6.32
CA LEU A 177 -7.80 -16.77 -5.06
C LEU A 177 -6.86 -17.24 -3.98
N MET A 178 -6.38 -18.45 -4.08
CA MET A 178 -5.43 -18.93 -3.12
C MET A 178 -4.10 -18.22 -3.22
N ARG A 179 -3.69 -17.84 -4.43
CA ARG A 179 -2.44 -17.10 -4.61
C ARG A 179 -2.59 -15.70 -4.03
N ARG A 180 -3.67 -15.02 -4.37
CA ARG A 180 -3.77 -13.60 -4.07
C ARG A 180 -4.31 -13.24 -2.67
N GLU A 181 -5.23 -14.03 -2.12
CA GLU A 181 -6.01 -13.65 -0.93
C GLU A 181 -5.68 -14.38 0.39
N VAL A 182 -4.47 -14.89 0.52
CA VAL A 182 -4.06 -15.48 1.80
C VAL A 182 -4.16 -14.43 2.92
N GLY A 183 -4.79 -14.84 4.02
CA GLY A 183 -5.26 -13.93 5.10
C GLY A 183 -6.77 -14.06 5.31
N ALA A 184 -7.47 -14.62 4.31
CA ALA A 184 -8.90 -14.67 4.35
C ALA A 184 -9.23 -15.67 5.40
N TYR A 185 -10.45 -15.64 5.92
CA TYR A 185 -10.83 -16.60 6.96
C TYR A 185 -11.09 -17.96 6.33
N TRP A 186 -11.94 -18.02 5.31
CA TRP A 186 -12.08 -19.21 4.45
C TRP A 186 -11.84 -18.83 3.01
N ILE A 187 -11.09 -19.65 2.28
CA ILE A 187 -11.07 -19.54 0.82
C ILE A 187 -11.58 -20.84 0.33
N PHE A 188 -12.52 -20.86 -0.59
CA PHE A 188 -13.24 -22.10 -0.90
C PHE A 188 -13.84 -22.18 -2.26
N VAL A 189 -14.12 -23.40 -2.67
CA VAL A 189 -15.03 -23.66 -3.76
C VAL A 189 -15.96 -24.79 -3.32
N ILE A 190 -17.26 -24.56 -3.41
CA ILE A 190 -18.24 -25.53 -2.95
C ILE A 190 -19.16 -25.79 -4.12
N HIS A 191 -19.26 -27.06 -4.46
CA HIS A 191 -19.89 -27.47 -5.68
C HIS A 191 -20.91 -28.54 -5.46
N THR A 192 -22.05 -28.18 -5.98
CA THR A 192 -23.29 -28.86 -5.80
C THR A 192 -23.64 -28.99 -7.26
N GLY A 193 -24.62 -29.79 -7.57
CA GLY A 193 -24.88 -29.99 -8.98
C GLY A 193 -25.56 -28.79 -9.59
N GLU A 194 -26.23 -28.02 -8.73
CA GLU A 194 -27.14 -26.98 -9.13
C GLU A 194 -26.50 -25.60 -9.02
N ARG A 195 -25.41 -25.51 -8.28
CA ARG A 195 -24.75 -24.24 -7.98
C ARG A 195 -23.34 -24.51 -7.51
N THR A 196 -22.46 -23.53 -7.76
CA THR A 196 -21.10 -23.56 -7.29
C THR A 196 -20.92 -22.25 -6.59
N PHE A 197 -20.15 -22.28 -5.49
CA PHE A 197 -19.77 -21.11 -4.74
C PHE A 197 -18.27 -20.99 -4.71
N VAL A 198 -17.73 -19.83 -5.07
CA VAL A 198 -16.30 -19.60 -4.90
C VAL A 198 -16.09 -18.27 -4.21
N GLY A 199 -15.27 -18.24 -3.16
CA GLY A 199 -14.99 -16.99 -2.47
C GLY A 199 -13.77 -17.00 -1.61
N ALA A 200 -13.43 -15.82 -1.12
CA ALA A 200 -12.37 -15.69 -0.10
C ALA A 200 -12.95 -14.74 0.88
N THR A 201 -13.69 -15.25 1.85
CA THR A 201 -14.32 -14.39 2.80
C THR A 201 -13.40 -14.01 3.95
N PRO A 202 -13.44 -12.75 4.37
CA PRO A 202 -12.58 -12.35 5.48
C PRO A 202 -13.11 -12.69 6.84
N GLU A 203 -14.39 -12.94 6.96
CA GLU A 203 -14.96 -12.95 8.28
C GLU A 203 -15.56 -14.30 8.66
N ARG A 204 -15.24 -14.77 9.84
CA ARG A 204 -15.99 -15.88 10.34
C ARG A 204 -17.31 -15.48 10.88
N HIS A 205 -18.22 -16.46 10.90
CA HIS A 205 -19.56 -16.24 11.45
C HIS A 205 -19.57 -16.63 12.90
N LEU A 206 -19.44 -17.91 13.19
CA LEU A 206 -19.39 -18.42 14.56
C LEU A 206 -18.62 -19.73 14.59
N THR A 207 -17.84 -19.95 15.64
CA THR A 207 -17.23 -21.24 15.83
C THR A 207 -17.59 -21.76 17.21
N LEU A 208 -17.49 -23.09 17.38
CA LEU A 208 -17.86 -23.74 18.64
C LEU A 208 -16.93 -24.90 18.92
N HIS A 209 -16.21 -24.86 19.99
CA HIS A 209 -15.29 -25.88 20.33
C HIS A 209 -15.41 -26.04 21.82
N GLU A 210 -15.66 -27.26 22.27
CA GLU A 210 -15.83 -27.58 23.67
C GLU A 210 -16.68 -26.58 24.41
N GLY A 211 -17.86 -26.30 23.90
CA GLY A 211 -18.85 -25.48 24.60
C GLY A 211 -18.61 -23.97 24.48
N CYS A 212 -17.52 -23.64 23.80
CA CYS A 212 -17.06 -22.29 23.80
C CYS A 212 -17.30 -21.68 22.43
N ALA A 213 -18.15 -20.66 22.43
CA ALA A 213 -18.66 -19.98 21.22
C ALA A 213 -17.82 -18.75 20.90
N THR A 214 -17.44 -18.52 19.64
CA THR A 214 -16.72 -17.32 19.29
C THR A 214 -17.27 -16.60 18.06
N MET A 215 -17.59 -15.33 18.20
CA MET A 215 -17.77 -14.46 17.04
C MET A 215 -16.52 -13.62 16.86
N ASN A 216 -16.35 -13.00 15.69
CA ASN A 216 -15.05 -12.42 15.28
C ASN A 216 -15.21 -11.29 14.28
N PRO A 217 -15.78 -10.15 14.69
CA PRO A 217 -15.95 -9.04 13.76
C PRO A 217 -14.70 -8.33 13.37
N ILE A 218 -14.63 -7.95 12.09
CA ILE A 218 -13.58 -7.09 11.58
C ILE A 218 -13.96 -5.63 11.70
N SER A 219 -13.03 -4.81 12.16
CA SER A 219 -13.35 -3.44 12.53
C SER A 219 -12.97 -2.51 11.44
N GLY A 220 -11.70 -2.54 11.06
CA GLY A 220 -11.18 -1.57 10.12
C GLY A 220 -10.19 -2.17 9.17
N THR A 221 -9.81 -1.36 8.17
CA THR A 221 -8.91 -1.79 7.11
C THR A 221 -7.86 -0.75 6.88
N TYR A 222 -6.62 -1.20 6.79
CA TYR A 222 -5.48 -0.36 6.53
C TYR A 222 -4.82 -0.88 5.27
N ARG A 223 -5.01 -0.09 4.21
CA ARG A 223 -4.35 -0.32 2.94
C ARG A 223 -2.92 0.13 3.03
N TYR A 224 -1.96 -0.76 2.80
CA TYR A 224 -0.56 -0.37 2.85
C TYR A 224 -0.28 0.58 1.70
N PRO A 225 0.44 1.67 2.00
CA PRO A 225 0.80 2.56 0.91
C PRO A 225 1.95 1.95 0.12
N GLN A 226 1.90 2.04 -1.20
CA GLN A 226 3.10 1.86 -2.01
C GLN A 226 4.05 2.90 -1.42
N SER A 227 5.23 2.54 -0.91
CA SER A 227 5.84 1.19 -0.96
C SER A 227 6.08 0.64 0.47
N GLY A 228 5.38 -0.45 0.79
CA GLY A 228 5.54 -1.19 2.04
C GLY A 228 4.53 -0.89 3.16
N PRO A 229 4.45 -1.77 4.18
CA PRO A 229 3.80 -1.56 5.47
C PRO A 229 4.81 -1.38 6.59
N THR A 230 4.56 -0.42 7.47
CA THR A 230 5.49 -0.10 8.55
C THR A 230 4.88 -0.10 9.92
N ILE A 231 5.72 -0.36 10.90
CA ILE A 231 5.33 -0.24 12.28
C ILE A 231 4.76 1.17 12.60
N ASP A 232 5.06 2.18 11.81
CA ASP A 232 4.57 3.55 12.10
C ASP A 232 3.29 3.88 11.34
N GLY A 233 3.21 3.46 10.08
CA GLY A 233 1.98 3.63 9.32
C GLY A 233 0.84 2.89 9.98
N ILE A 234 1.13 1.67 10.46
CA ILE A 234 0.13 0.86 11.13
C ILE A 234 -0.24 1.48 12.44
N ASN A 235 0.76 2.01 13.15
CA ASN A 235 0.50 2.59 14.45
C ASN A 235 -0.29 3.90 14.33
N ALA A 236 0.02 4.72 13.30
CA ALA A 236 -0.74 5.95 12.95
C ALA A 236 -2.20 5.63 12.68
N PHE A 237 -2.42 4.63 11.85
CA PHE A 237 -3.76 4.16 11.52
C PHE A 237 -4.52 3.72 12.76
N LEU A 238 -3.81 3.06 13.68
CA LEU A 238 -4.40 2.55 14.91
C LEU A 238 -4.68 3.72 15.87
N GLY A 239 -3.76 4.69 15.88
CA GLY A 239 -3.92 5.91 16.65
C GLY A 239 -5.02 6.82 16.19
N ASP A 240 -5.47 6.67 14.93
CA ASP A 240 -6.38 7.59 14.26
C ASP A 240 -7.73 7.78 14.93
N ARG A 241 -8.51 6.72 15.08
CA ARG A 241 -9.68 6.73 15.97
C ARG A 241 -10.57 7.99 15.86
N LYS A 242 -10.48 8.72 14.75
CA LYS A 242 -11.24 9.98 14.54
C LYS A 242 -12.63 9.71 13.95
N GLU A 243 -13.12 8.48 14.16
CA GLU A 243 -14.42 8.00 13.66
C GLU A 243 -14.76 6.64 14.32
N SER A 244 -14.84 6.59 15.66
CA SER A 244 -15.16 5.36 16.41
C SER A 244 -16.51 4.79 16.00
N ASP A 245 -16.98 5.18 14.81
CA ASP A 245 -18.34 4.96 14.34
C ASP A 245 -18.83 3.53 14.53
N GLU A 246 -19.13 2.85 13.42
CA GLU A 246 -19.86 1.58 13.54
C GLU A 246 -19.11 0.60 14.44
N LEU A 247 -17.80 0.77 14.61
CA LEU A 247 -17.02 -0.13 15.46
C LEU A 247 -17.73 -0.51 16.75
N TYR A 248 -18.25 0.48 17.49
CA TYR A 248 -18.74 0.20 18.83
C TYR A 248 -20.17 -0.17 18.83
N MET A 249 -20.94 0.35 17.89
CA MET A 249 -22.30 -0.12 17.69
C MET A 249 -22.22 -1.59 17.32
N VAL A 250 -21.23 -1.97 16.53
CA VAL A 250 -21.16 -3.33 16.09
C VAL A 250 -20.82 -4.24 17.26
N LEU A 251 -19.85 -3.83 18.08
CA LEU A 251 -19.49 -4.64 19.21
C LEU A 251 -20.67 -4.83 20.13
N ASP A 252 -21.36 -3.72 20.44
CA ASP A 252 -22.52 -3.76 21.35
C ASP A 252 -23.52 -4.75 20.78
N GLU A 253 -23.76 -4.65 19.49
CA GLU A 253 -24.73 -5.52 18.86
C GLU A 253 -24.26 -6.95 18.92
N GLU A 254 -22.97 -7.17 18.71
CA GLU A 254 -22.40 -8.52 18.81
C GLU A 254 -22.54 -9.06 20.26
N LEU A 255 -22.32 -8.20 21.26
CA LEU A 255 -22.50 -8.60 22.68
C LEU A 255 -23.97 -8.96 23.03
N LYS A 256 -24.89 -8.19 22.45
CA LYS A 256 -26.28 -8.53 22.51
C LYS A 256 -26.54 -9.95 21.96
N MET A 257 -25.91 -10.30 20.86
CA MET A 257 -26.26 -11.50 20.16
C MET A 257 -25.76 -12.63 21.01
N MET A 258 -24.52 -12.48 21.47
CA MET A 258 -23.90 -13.46 22.32
C MET A 258 -24.68 -13.68 23.60
N ALA A 259 -25.27 -12.62 24.17
CA ALA A 259 -25.98 -12.80 25.41
C ALA A 259 -27.15 -13.77 25.29
N ARG A 260 -27.69 -13.88 24.09
CA ARG A 260 -28.84 -14.67 23.86
C ARG A 260 -28.46 -16.14 23.70
N ILE A 261 -27.24 -16.42 23.34
CA ILE A 261 -26.79 -17.82 23.24
C ILE A 261 -25.79 -18.24 24.33
N CYS A 262 -25.03 -17.30 24.86
CA CYS A 262 -24.19 -17.51 26.02
C CYS A 262 -24.75 -16.72 27.23
N PRO A 263 -25.49 -17.41 28.09
CA PRO A 263 -26.23 -16.73 29.15
C PRO A 263 -25.36 -15.91 30.06
N ALA A 264 -24.13 -16.33 30.30
CA ALA A 264 -23.24 -15.50 31.15
C ALA A 264 -22.53 -14.37 30.36
N GLY A 265 -22.80 -14.23 29.08
CA GLY A 265 -22.33 -13.06 28.39
C GLY A 265 -21.09 -13.39 27.64
N GLY A 266 -20.64 -12.46 26.79
CA GLY A 266 -19.42 -12.63 26.07
C GLY A 266 -18.37 -11.73 26.64
N GLN A 267 -17.12 -12.08 26.33
CA GLN A 267 -15.92 -11.34 26.71
C GLN A 267 -15.26 -11.00 25.40
N VAL A 268 -14.86 -9.75 25.26
CA VAL A 268 -14.20 -9.28 24.08
C VAL A 268 -12.73 -9.42 24.29
N THR A 269 -12.01 -9.71 23.22
CA THR A 269 -10.56 -9.76 23.23
C THR A 269 -10.16 -9.03 22.02
N GLY A 270 -9.07 -8.32 22.08
CA GLY A 270 -8.61 -7.60 20.91
C GLY A 270 -8.52 -6.12 21.17
N PRO A 271 -8.33 -5.35 20.09
CA PRO A 271 -8.26 -5.81 18.72
C PRO A 271 -7.00 -6.58 18.42
N HIS A 272 -7.04 -7.44 17.42
CA HIS A 272 -5.83 -8.05 16.85
C HIS A 272 -5.66 -7.65 15.43
N LEU A 273 -4.42 -7.77 14.95
CA LEU A 273 -4.11 -7.37 13.59
C LEU A 273 -4.23 -8.56 12.68
N ARG A 274 -4.92 -8.40 11.56
CA ARG A 274 -5.06 -9.46 10.57
C ARG A 274 -4.40 -8.98 9.27
N GLU A 275 -3.31 -9.64 8.94
CA GLU A 275 -2.40 -9.12 7.93
C GLU A 275 -2.65 -9.82 6.64
N MET A 276 -2.50 -9.08 5.55
CA MET A 276 -2.61 -9.63 4.21
C MET A 276 -1.43 -9.16 3.39
N ALA A 277 -1.28 -9.69 2.18
CA ALA A 277 -0.14 -9.32 1.35
C ALA A 277 0.02 -7.80 1.17
N ARG A 278 -1.09 -7.05 1.05
CA ARG A 278 -1.02 -5.56 0.88
C ARG A 278 -1.98 -4.69 1.75
N LEU A 279 -2.55 -5.30 2.76
CA LEU A 279 -3.56 -4.62 3.55
C LEU A 279 -3.63 -5.29 4.92
N ALA A 280 -4.12 -4.56 5.91
CA ALA A 280 -4.39 -5.14 7.23
C ALA A 280 -5.78 -4.79 7.70
N HIS A 281 -6.40 -5.74 8.40
CA HIS A 281 -7.64 -5.51 9.13
C HIS A 281 -7.41 -5.54 10.62
N THR A 282 -8.23 -4.78 11.30
CA THR A 282 -8.33 -4.90 12.73
C THR A 282 -9.44 -5.90 13.02
N GLU A 283 -9.25 -6.77 14.00
CA GLU A 283 -10.31 -7.69 14.35
C GLU A 283 -10.43 -7.92 15.85
N TYR A 284 -11.66 -8.18 16.29
CA TYR A 284 -11.96 -8.47 17.68
C TYR A 284 -12.53 -9.87 17.77
N PHE A 285 -12.27 -10.54 18.89
CA PHE A 285 -12.97 -11.79 19.21
C PHE A 285 -13.94 -11.56 20.33
N ILE A 286 -15.05 -12.30 20.30
CA ILE A 286 -16.07 -12.27 21.36
C ILE A 286 -16.39 -13.73 21.69
N VAL A 287 -16.20 -14.10 22.95
CA VAL A 287 -16.29 -15.48 23.35
C VAL A 287 -17.15 -15.71 24.58
N GLY A 288 -17.80 -16.84 24.62
CA GLY A 288 -18.67 -17.20 25.73
C GLY A 288 -18.99 -18.68 25.71
N HIS A 289 -19.52 -19.15 26.82
CA HIS A 289 -19.88 -20.52 26.93
C HIS A 289 -21.38 -20.71 26.61
N THR A 290 -21.69 -21.70 25.78
CA THR A 290 -23.07 -21.97 25.36
C THR A 290 -23.28 -23.46 25.50
N GLU A 291 -24.53 -23.86 25.60
CA GLU A 291 -24.95 -25.23 25.61
C GLU A 291 -25.99 -25.50 24.49
N ALA A 292 -26.24 -24.57 23.62
CA ALA A 292 -27.38 -24.65 22.75
C ALA A 292 -27.02 -25.64 21.61
N ASP A 293 -28.04 -26.32 21.07
CA ASP A 293 -27.87 -27.09 19.85
C ASP A 293 -27.33 -26.21 18.71
N VAL A 294 -26.52 -26.79 17.83
CA VAL A 294 -25.91 -26.07 16.72
C VAL A 294 -27.02 -25.52 15.83
N ARG A 295 -28.14 -26.25 15.77
CA ARG A 295 -29.22 -25.83 14.93
C ARG A 295 -29.82 -24.54 15.50
N ASP A 296 -29.82 -24.42 16.83
CA ASP A 296 -30.35 -23.21 17.44
C ASP A 296 -29.28 -22.11 17.36
N LEU A 297 -28.01 -22.48 17.40
CA LEU A 297 -26.96 -21.52 17.35
C LEU A 297 -27.00 -20.81 16.02
N LEU A 298 -27.15 -21.56 14.94
CA LEU A 298 -27.24 -20.93 13.64
C LEU A 298 -28.51 -20.07 13.63
N ARG A 299 -29.66 -20.66 13.93
CA ARG A 299 -30.87 -19.86 13.82
C ARG A 299 -30.78 -18.53 14.57
N GLU A 300 -30.24 -18.55 15.79
CA GLU A 300 -30.22 -17.34 16.63
C GLU A 300 -29.04 -16.45 16.34
N THR A 301 -28.09 -16.89 15.55
CA THR A 301 -27.06 -15.94 15.18
C THR A 301 -27.27 -15.51 13.73
N MET A 302 -28.53 -15.48 13.24
CA MET A 302 -28.77 -15.21 11.82
C MET A 302 -28.64 -13.75 11.60
N PHE A 303 -27.36 -13.52 11.37
CA PHE A 303 -26.65 -12.77 10.35
C PHE A 303 -25.97 -11.75 11.14
N ALA A 304 -24.65 -11.87 11.09
CA ALA A 304 -23.78 -11.05 11.87
C ALA A 304 -24.16 -9.61 11.63
N PRO A 305 -24.13 -8.80 12.69
CA PRO A 305 -24.31 -7.35 12.55
C PRO A 305 -23.46 -6.71 11.50
N THR A 306 -22.27 -7.28 11.26
CA THR A 306 -21.39 -6.68 10.29
C THR A 306 -21.86 -6.86 8.85
N VAL A 307 -22.94 -7.58 8.61
CA VAL A 307 -23.45 -7.71 7.23
C VAL A 307 -24.93 -7.41 7.19
N THR A 308 -25.48 -6.93 8.29
CA THR A 308 -26.88 -6.53 8.35
C THR A 308 -26.92 -5.11 8.90
N GLY A 309 -26.75 -5.00 10.19
CA GLY A 309 -26.88 -3.70 10.78
C GLY A 309 -27.16 -3.83 12.24
N SER A 310 -27.42 -2.70 12.89
CA SER A 310 -27.62 -2.67 14.32
C SER A 310 -28.59 -1.58 14.60
N PRO A 311 -29.72 -1.91 15.23
CA PRO A 311 -30.12 -3.19 15.75
C PRO A 311 -30.51 -4.15 14.63
N ILE A 312 -30.37 -5.44 14.91
CA ILE A 312 -30.47 -6.49 13.93
C ILE A 312 -31.84 -6.51 13.22
N GLU A 313 -32.91 -6.51 14.00
CA GLU A 313 -34.23 -6.63 13.41
C GLU A 313 -34.62 -5.37 12.63
N SER A 314 -34.20 -4.19 13.05
CA SER A 314 -34.60 -3.07 12.22
C SER A 314 -33.69 -3.03 11.01
N ALA A 315 -32.45 -3.43 11.17
CA ALA A 315 -31.61 -3.58 9.99
C ALA A 315 -32.35 -4.45 8.97
N THR A 316 -32.88 -5.58 9.42
CA THR A 316 -33.55 -6.43 8.47
C THR A 316 -34.71 -5.70 7.85
N ARG A 317 -35.43 -4.92 8.65
CA ARG A 317 -36.54 -4.15 8.09
C ARG A 317 -36.12 -3.10 7.06
N VAL A 318 -35.06 -2.37 7.37
CA VAL A 318 -34.51 -1.41 6.48
C VAL A 318 -34.03 -2.06 5.18
N ILE A 319 -33.34 -3.19 5.30
CA ILE A 319 -32.84 -3.90 4.11
C ILE A 319 -33.98 -4.30 3.18
N ALA A 320 -35.02 -4.90 3.73
CA ALA A 320 -36.20 -5.26 2.92
C ALA A 320 -36.79 -4.01 2.27
N ARG A 321 -36.90 -2.91 3.03
CA ARG A 321 -37.43 -1.68 2.40
C ARG A 321 -36.66 -1.23 1.16
N HIS A 322 -35.32 -1.20 1.22
CA HIS A 322 -34.55 -0.48 0.24
C HIS A 322 -33.82 -1.34 -0.78
N GLU A 323 -33.55 -2.59 -0.51
CA GLU A 323 -32.95 -3.44 -1.53
C GLU A 323 -34.12 -3.97 -2.36
N ARG A 324 -33.97 -3.97 -3.67
CA ARG A 324 -35.15 -4.25 -4.47
C ARG A 324 -35.34 -5.77 -4.60
N ALA A 325 -34.30 -6.52 -4.28
CA ALA A 325 -34.30 -7.91 -4.53
C ALA A 325 -33.87 -8.71 -3.31
N GLY A 326 -33.92 -10.03 -3.46
CA GLY A 326 -33.35 -10.92 -2.49
C GLY A 326 -31.83 -10.87 -2.54
N ARG A 327 -31.22 -11.47 -1.52
CA ARG A 327 -29.79 -11.53 -1.40
C ARG A 327 -29.17 -12.90 -1.78
N GLY A 328 -29.96 -13.84 -2.22
CA GLY A 328 -29.46 -15.21 -2.31
C GLY A 328 -28.69 -15.67 -1.09
N TYR A 329 -27.43 -16.01 -1.26
CA TYR A 329 -26.63 -16.45 -0.14
C TYR A 329 -25.72 -15.34 0.44
N TYR A 330 -25.81 -14.13 -0.06
CA TYR A 330 -24.97 -13.02 0.37
C TYR A 330 -25.29 -12.64 1.81
N SER A 331 -24.29 -12.61 2.67
CA SER A 331 -24.48 -12.31 4.11
C SER A 331 -24.99 -13.50 4.88
N GLY A 332 -25.21 -14.61 4.19
CA GLY A 332 -25.50 -15.87 4.85
C GLY A 332 -24.31 -16.58 5.42
N ILE A 333 -24.48 -17.86 5.70
CA ILE A 333 -23.46 -18.65 6.42
C ILE A 333 -23.17 -19.95 5.66
N ALA A 334 -21.89 -20.27 5.51
CA ALA A 334 -21.38 -21.58 5.16
C ALA A 334 -20.95 -22.12 6.47
N ALA A 335 -21.51 -23.26 6.87
CA ALA A 335 -21.21 -23.89 8.17
C ALA A 335 -20.69 -25.31 8.00
N LEU A 336 -19.63 -25.59 8.73
CA LEU A 336 -19.00 -26.90 8.79
C LEU A 336 -19.35 -27.45 10.14
N ILE A 337 -20.26 -28.40 10.19
CA ILE A 337 -20.70 -28.96 11.47
C ILE A 337 -20.09 -30.34 11.71
N GLY A 338 -19.59 -30.58 12.90
CA GLY A 338 -18.93 -31.86 13.18
C GLY A 338 -18.82 -32.22 14.64
N ARG A 339 -17.97 -33.21 14.95
CA ARG A 339 -17.73 -33.64 16.32
C ARG A 339 -16.28 -33.85 16.63
N ASP A 340 -15.87 -33.39 17.81
CA ASP A 340 -14.55 -33.68 18.29
C ASP A 340 -14.32 -35.19 18.63
N ALA A 341 -13.12 -35.55 19.09
CA ALA A 341 -12.77 -36.98 19.21
C ALA A 341 -13.54 -37.64 20.35
N ARG A 342 -13.88 -36.80 21.32
CA ARG A 342 -14.66 -37.19 22.47
C ARG A 342 -16.18 -37.08 22.20
N GLY A 343 -16.60 -36.76 20.99
CA GLY A 343 -18.02 -36.65 20.70
C GLY A 343 -18.67 -35.29 20.92
N GLY A 344 -17.95 -34.35 21.49
CA GLY A 344 -18.49 -32.99 21.67
C GLY A 344 -18.77 -32.34 20.38
N ARG A 345 -19.68 -31.40 20.38
CA ARG A 345 -20.06 -30.74 19.13
C ARG A 345 -19.07 -29.66 18.71
N THR A 346 -18.93 -29.54 17.42
CA THR A 346 -17.99 -28.63 16.76
C THR A 346 -18.67 -27.83 15.70
N LEU A 347 -18.31 -26.57 15.55
CA LEU A 347 -18.83 -25.73 14.47
C LEU A 347 -17.75 -24.80 14.00
N ASP A 348 -17.48 -24.73 12.70
CA ASP A 348 -16.66 -23.65 12.11
C ASP A 348 -17.50 -23.13 11.02
N SER A 349 -17.68 -21.82 10.94
CA SER A 349 -18.55 -21.23 9.93
C SER A 349 -18.14 -19.82 9.51
N ALA A 350 -18.45 -19.47 8.26
CA ALA A 350 -17.89 -18.28 7.65
C ALA A 350 -19.03 -17.47 7.12
N ILE A 351 -18.91 -16.13 7.14
CA ILE A 351 -19.96 -15.30 6.51
C ILE A 351 -19.79 -15.26 4.99
N LEU A 352 -20.86 -15.48 4.26
CA LEU A 352 -20.81 -15.53 2.79
C LEU A 352 -20.85 -14.13 2.16
N ILE A 353 -19.72 -13.44 2.21
CA ILE A 353 -19.46 -12.24 1.41
C ILE A 353 -18.14 -12.49 0.65
N ARG A 354 -17.85 -11.63 -0.33
CA ARG A 354 -16.75 -11.80 -1.29
C ARG A 354 -16.75 -13.15 -1.89
N THR A 355 -17.88 -13.50 -2.50
CA THR A 355 -18.05 -14.85 -3.03
C THR A 355 -18.99 -14.89 -4.21
N ALA A 356 -18.66 -15.71 -5.19
CA ALA A 356 -19.45 -15.79 -6.39
C ALA A 356 -20.34 -17.01 -6.25
N GLU A 357 -21.59 -16.86 -6.67
CA GLU A 357 -22.50 -17.98 -6.77
C GLU A 357 -22.69 -18.18 -8.29
N ILE A 358 -22.27 -19.33 -8.81
CA ILE A 358 -22.36 -19.62 -10.23
C ILE A 358 -23.46 -20.64 -10.41
N ASP A 359 -24.25 -20.53 -11.46
CA ASP A 359 -25.32 -21.47 -11.71
C ASP A 359 -24.84 -22.53 -12.72
N ARG A 360 -25.71 -23.48 -13.05
CA ARG A 360 -25.32 -24.53 -13.99
C ARG A 360 -24.90 -23.91 -15.32
N ALA A 361 -25.67 -22.95 -15.79
CA ALA A 361 -25.45 -22.40 -17.10
C ALA A 361 -24.23 -21.51 -17.14
N GLY A 362 -23.62 -21.22 -16.01
CA GLY A 362 -22.44 -20.37 -15.99
C GLY A 362 -22.71 -18.92 -15.66
N HIS A 363 -23.88 -18.61 -15.13
CA HIS A 363 -24.18 -17.25 -14.78
C HIS A 363 -23.61 -16.92 -13.42
N VAL A 364 -22.75 -15.89 -13.31
CA VAL A 364 -22.17 -15.51 -12.00
C VAL A 364 -22.90 -14.35 -11.33
N ARG A 365 -23.07 -14.45 -10.01
CA ARG A 365 -23.57 -13.35 -9.15
C ARG A 365 -22.67 -13.13 -7.92
N ILE A 366 -22.27 -11.86 -7.71
CA ILE A 366 -21.43 -11.49 -6.60
C ILE A 366 -22.07 -10.31 -5.91
N GLY A 367 -22.48 -10.52 -4.67
CA GLY A 367 -23.02 -9.47 -3.81
C GLY A 367 -21.92 -8.64 -3.18
N VAL A 368 -22.04 -7.32 -3.27
CA VAL A 368 -21.21 -6.39 -2.54
C VAL A 368 -22.06 -5.47 -1.72
N GLY A 369 -21.67 -5.30 -0.46
CA GLY A 369 -22.31 -4.32 0.42
C GLY A 369 -21.52 -3.06 0.71
N SER A 370 -22.21 -2.08 1.25
CA SER A 370 -21.62 -0.87 1.74
C SER A 370 -22.13 -0.76 3.14
N THR A 371 -21.27 -0.50 4.11
CA THR A 371 -21.75 -0.23 5.47
C THR A 371 -21.97 1.25 5.61
N LEU A 372 -23.16 1.62 6.04
CA LEU A 372 -23.59 2.98 6.11
C LEU A 372 -23.74 3.48 7.56
N VAL A 373 -23.17 4.64 7.85
CA VAL A 373 -23.38 5.33 9.11
C VAL A 373 -23.85 6.75 8.79
N ARG A 374 -24.06 7.61 9.78
CA ARG A 374 -24.66 8.93 9.47
C ARG A 374 -23.79 9.82 8.62
N HIS A 375 -22.49 9.78 8.85
CA HIS A 375 -21.52 10.56 8.09
C HIS A 375 -21.11 9.93 6.76
N SER A 376 -21.71 8.81 6.33
CA SER A 376 -21.30 8.16 5.07
C SER A 376 -21.67 9.04 3.89
N ASP A 377 -20.98 8.87 2.76
CA ASP A 377 -21.23 9.67 1.53
C ASP A 377 -21.64 8.77 0.38
N ALA A 378 -22.85 8.88 -0.14
CA ALA A 378 -23.33 7.95 -1.16
C ALA A 378 -22.31 7.66 -2.25
N VAL A 379 -21.83 8.69 -2.88
CA VAL A 379 -20.94 8.50 -4.01
C VAL A 379 -19.64 7.79 -3.60
N SER A 380 -19.03 8.22 -2.51
CA SER A 380 -17.86 7.53 -2.00
C SER A 380 -18.13 6.03 -1.88
N GLU A 381 -19.30 5.66 -1.38
CA GLU A 381 -19.62 4.27 -1.13
C GLU A 381 -19.95 3.52 -2.42
N VAL A 382 -20.53 4.19 -3.40
CA VAL A 382 -20.73 3.53 -4.68
C VAL A 382 -19.37 3.08 -5.20
N MET A 383 -18.42 4.01 -5.23
CA MET A 383 -17.12 3.75 -5.85
C MET A 383 -16.40 2.68 -5.03
N GLU A 384 -16.67 2.66 -3.76
CA GLU A 384 -16.01 1.71 -2.92
C GLU A 384 -16.45 0.29 -3.29
N THR A 385 -17.67 0.14 -3.82
CA THR A 385 -18.13 -1.21 -4.18
C THR A 385 -17.34 -1.74 -5.37
N HIS A 386 -16.93 -0.86 -6.30
CA HIS A 386 -16.03 -1.25 -7.36
C HIS A 386 -14.70 -1.72 -6.77
N ALA A 387 -14.17 -0.99 -5.81
CA ALA A 387 -12.97 -1.47 -5.14
C ALA A 387 -13.23 -2.85 -4.55
N LYS A 388 -14.29 -3.00 -3.76
CA LYS A 388 -14.41 -4.26 -3.02
C LYS A 388 -14.37 -5.46 -3.95
N VAL A 389 -15.09 -5.40 -5.08
CA VAL A 389 -15.22 -6.55 -5.98
C VAL A 389 -14.00 -6.90 -6.83
N ALA A 390 -12.95 -6.13 -6.71
CA ALA A 390 -11.79 -6.30 -7.55
C ALA A 390 -11.12 -7.64 -7.28
N ALA A 391 -11.10 -8.08 -6.03
CA ALA A 391 -10.46 -9.35 -5.72
C ALA A 391 -11.02 -10.48 -6.55
N LEU A 392 -12.33 -10.70 -6.47
CA LEU A 392 -12.95 -11.74 -7.27
C LEU A 392 -12.94 -11.41 -8.74
N SER A 393 -13.27 -10.17 -9.05
CA SER A 393 -13.29 -9.75 -10.42
C SER A 393 -11.97 -10.15 -11.09
N ASN A 394 -10.86 -9.91 -10.41
CA ASN A 394 -9.55 -10.35 -10.88
C ASN A 394 -9.25 -11.81 -10.78
N ALA A 395 -9.98 -12.55 -9.97
CA ALA A 395 -9.71 -13.96 -9.85
C ALA A 395 -10.35 -14.64 -11.08
N PHE A 396 -11.25 -13.93 -11.77
CA PHE A 396 -11.91 -14.47 -12.95
C PHE A 396 -11.17 -14.02 -14.16
N ASP A 397 -10.64 -12.81 -14.11
CA ASP A 397 -10.10 -12.13 -15.29
C ASP A 397 -8.78 -11.57 -14.85
N PRO A 398 -7.76 -12.44 -14.72
CA PRO A 398 -6.48 -11.94 -14.21
C PRO A 398 -5.89 -10.92 -15.19
N PRO A 399 -4.98 -10.05 -14.72
CA PRO A 399 -4.34 -9.03 -15.54
C PRO A 399 -3.18 -9.60 -16.38
N GLU A 400 -2.46 -10.54 -15.78
CA GLU A 400 -1.41 -11.32 -16.45
C GLU A 400 -1.99 -12.21 -17.54
N ALA A 401 -3.24 -12.62 -17.38
CA ALA A 401 -3.90 -13.42 -18.41
C ALA A 401 -4.16 -12.51 -19.59
N GLY A 402 -5.32 -11.84 -19.62
CA GLY A 402 -5.67 -10.97 -20.74
C GLY A 402 -4.42 -10.38 -21.37
N PRO A 403 -4.06 -10.86 -22.59
CA PRO A 403 -2.77 -10.45 -23.16
C PRO A 403 -2.68 -8.90 -23.17
N ALA A 404 -1.90 -8.36 -22.25
CA ALA A 404 -1.80 -6.90 -22.05
C ALA A 404 -1.46 -6.61 -20.61
N LEU A 405 -1.32 -5.32 -20.32
CA LEU A 405 -1.57 -4.78 -18.96
C LEU A 405 -1.06 -3.36 -18.80
N GLY A 406 -1.15 -2.61 -19.89
CA GLY A 406 -0.30 -1.46 -20.09
C GLY A 406 -0.23 -1.17 -21.57
N GLN A 407 -0.58 -2.15 -22.39
CA GLN A 407 -0.83 -1.91 -23.80
C GLN A 407 -2.29 -1.44 -23.93
N HIS A 408 -3.03 -1.41 -22.82
CA HIS A 408 -4.39 -0.84 -22.82
C HIS A 408 -4.30 0.64 -23.16
N PRO A 409 -4.99 1.09 -24.24
CA PRO A 409 -4.90 2.46 -24.77
C PRO A 409 -5.04 3.58 -23.73
N SER A 410 -5.80 3.33 -22.67
CA SER A 410 -5.92 4.28 -21.55
C SER A 410 -4.57 4.47 -20.84
N VAL A 411 -3.87 3.36 -20.57
CA VAL A 411 -2.49 3.38 -20.02
C VAL A 411 -1.49 4.04 -21.00
N GLN A 412 -1.56 3.71 -22.29
CA GLN A 412 -0.72 4.36 -23.31
C GLN A 412 -0.86 5.87 -23.26
N ALA A 413 -2.10 6.33 -23.24
CA ALA A 413 -2.39 7.75 -23.13
C ALA A 413 -1.73 8.40 -21.91
N ALA A 414 -1.99 7.85 -20.71
CA ALA A 414 -1.45 8.42 -19.47
C ALA A 414 0.10 8.42 -19.46
N LEU A 415 0.74 7.40 -20.04
CA LEU A 415 2.22 7.40 -20.22
C LEU A 415 2.67 8.60 -21.10
N ARG A 416 2.07 8.72 -22.28
CA ARG A 416 2.31 9.81 -23.22
C ARG A 416 1.94 11.21 -22.70
N GLU A 417 1.11 11.33 -21.65
CA GLU A 417 0.86 12.65 -21.03
C GLU A 417 2.12 13.22 -20.39
N ARG A 418 2.91 12.38 -19.73
CA ARG A 418 4.11 12.87 -19.02
C ARG A 418 5.07 13.69 -19.86
N ASN A 419 5.21 13.34 -21.14
CA ASN A 419 6.19 13.99 -22.01
C ASN A 419 5.66 15.31 -22.60
N GLU A 420 4.49 15.74 -22.10
CA GLU A 420 3.82 16.90 -22.66
C GLU A 420 4.57 18.19 -22.32
N GLY A 421 4.99 18.34 -21.08
CA GLY A 421 5.63 19.58 -20.67
C GLY A 421 7.02 19.82 -21.19
N ILE A 422 7.69 18.77 -21.67
CA ILE A 422 9.13 18.79 -21.82
C ILE A 422 9.63 18.83 -23.28
N ALA A 423 10.95 18.78 -23.48
CA ALA A 423 11.58 19.11 -24.78
C ALA A 423 11.28 18.04 -25.79
N ASP A 424 10.99 18.40 -27.04
CA ASP A 424 10.64 17.41 -28.07
C ASP A 424 11.83 16.91 -28.86
N PHE A 425 12.87 17.73 -28.91
CA PHE A 425 14.08 17.42 -29.71
C PHE A 425 14.68 16.10 -29.28
N TRP A 426 14.81 15.86 -27.99
CA TRP A 426 15.52 14.67 -27.52
C TRP A 426 14.70 13.39 -27.64
N PHE A 427 13.44 13.50 -28.06
CA PHE A 427 12.59 12.33 -28.31
C PHE A 427 12.48 12.10 -29.81
N ARG A 428 13.10 13.00 -30.59
CA ARG A 428 13.14 12.96 -32.04
C ARG A 428 14.44 12.29 -32.54
N PRO A 429 14.35 11.48 -33.62
CA PRO A 429 15.58 11.00 -34.28
C PRO A 429 16.18 12.02 -35.27
N TYR A 430 17.36 11.69 -35.80
CA TYR A 430 18.29 12.64 -36.44
C TYR A 430 17.91 12.90 -37.90
N ALA A 442 16.57 29.60 -40.45
CA ALA A 442 16.87 29.11 -41.81
C ALA A 442 17.68 30.06 -42.69
N GLU A 443 17.73 31.35 -42.33
CA GLU A 443 18.86 32.22 -42.68
C GLU A 443 20.07 31.70 -41.91
N LEU A 444 19.78 31.16 -40.74
CA LEU A 444 20.79 30.59 -39.90
C LEU A 444 21.45 29.40 -40.56
N SER A 445 20.71 28.74 -41.45
CA SER A 445 21.23 27.79 -42.47
C SER A 445 22.72 27.46 -42.36
N GLY A 446 23.40 27.27 -43.51
CA GLY A 446 24.86 27.13 -43.58
C GLY A 446 25.56 28.38 -43.06
N CYS A 447 26.42 28.19 -42.08
CA CYS A 447 26.91 29.24 -41.15
C CYS A 447 27.66 28.49 -40.05
N ARG A 448 28.58 29.18 -39.39
CA ARG A 448 29.63 28.52 -38.63
C ARG A 448 29.76 29.12 -37.26
N ALA A 449 29.87 28.28 -36.24
CA ALA A 449 29.89 28.72 -34.85
C ALA A 449 31.03 28.08 -34.09
N LEU A 450 31.66 28.87 -33.23
CA LEU A 450 32.61 28.33 -32.29
C LEU A 450 31.93 28.17 -30.95
N ILE A 451 32.13 27.04 -30.28
CA ILE A 451 31.75 26.92 -28.88
C ILE A 451 32.97 26.83 -27.98
N VAL A 452 33.07 27.77 -27.05
CA VAL A 452 34.11 27.76 -26.05
C VAL A 452 33.55 26.97 -24.85
N ASP A 453 34.17 25.86 -24.54
CA ASP A 453 33.66 24.93 -23.55
C ASP A 453 34.23 25.29 -22.21
N ALA A 454 33.38 25.68 -21.27
CA ALA A 454 33.85 26.07 -19.94
C ALA A 454 33.87 24.84 -19.02
N GLU A 455 33.88 23.64 -19.62
CA GLU A 455 33.98 22.35 -18.91
C GLU A 455 32.66 21.85 -18.37
N ASP A 456 31.59 21.99 -19.13
CA ASP A 456 30.28 21.43 -18.78
C ASP A 456 29.93 20.41 -19.87
N HIS A 457 29.57 19.23 -19.43
CA HIS A 457 29.02 18.25 -20.32
C HIS A 457 27.77 18.67 -21.09
N PHE A 458 27.11 19.75 -20.74
CA PHE A 458 26.02 20.24 -21.58
C PHE A 458 26.47 20.74 -22.97
N THR A 459 27.70 21.16 -23.10
CA THR A 459 28.13 21.70 -24.38
C THR A 459 27.87 20.74 -25.53
N ALA A 460 28.18 19.45 -25.40
CA ALA A 460 27.86 18.53 -26.53
C ALA A 460 26.40 18.67 -26.94
N MET A 461 25.55 18.83 -25.95
CA MET A 461 24.14 18.98 -26.21
C MET A 461 23.85 20.28 -26.91
N ILE A 462 24.41 21.40 -26.45
CA ILE A 462 24.16 22.67 -27.10
C ILE A 462 24.63 22.51 -28.54
N ALA A 463 25.74 21.81 -28.72
CA ALA A 463 26.32 21.71 -30.04
C ALA A 463 25.37 20.95 -30.98
N GLN A 464 24.74 19.89 -30.45
CA GLN A 464 23.85 19.06 -31.25
C GLN A 464 22.63 19.87 -31.61
N GLN A 465 22.26 20.82 -30.79
CA GLN A 465 21.11 21.65 -31.14
C GLN A 465 21.47 22.70 -32.16
N LEU A 466 22.61 23.36 -31.99
CA LEU A 466 23.02 24.38 -32.95
C LEU A 466 23.22 23.71 -34.29
N SER A 467 23.84 22.56 -34.25
CA SER A 467 24.02 21.80 -35.45
C SER A 467 22.69 21.52 -36.17
N SER A 468 21.60 21.25 -35.45
CA SER A 468 20.35 20.89 -36.09
C SER A 468 19.72 22.08 -36.76
N LEU A 469 20.07 23.29 -36.31
CA LEU A 469 19.63 24.49 -36.96
C LEU A 469 20.43 24.77 -38.23
N GLY A 470 21.40 23.93 -38.51
CA GLY A 470 22.19 24.06 -39.73
C GLY A 470 23.56 24.65 -39.52
N LEU A 471 23.88 25.05 -38.30
CA LEU A 471 25.20 25.60 -38.05
C LEU A 471 26.23 24.49 -37.99
N ALA A 472 27.35 24.66 -38.69
CA ALA A 472 28.50 23.78 -38.47
C ALA A 472 29.21 24.30 -37.22
N THR A 473 29.36 23.43 -36.22
CA THR A 473 29.63 23.83 -34.86
C THR A 473 30.89 23.19 -34.30
N GLU A 474 31.99 23.94 -34.30
CA GLU A 474 33.26 23.48 -33.72
C GLU A 474 33.38 23.84 -32.25
N VAL A 475 34.12 23.06 -31.48
CA VAL A 475 34.29 23.33 -30.07
C VAL A 475 35.74 23.41 -29.66
N CYS A 476 36.15 24.52 -29.04
CA CYS A 476 37.49 24.63 -28.44
C CYS A 476 37.37 24.75 -26.94
N GLY A 477 38.52 24.79 -26.26
CA GLY A 477 38.56 25.06 -24.83
C GLY A 477 39.06 26.47 -24.53
N VAL A 478 38.86 26.92 -23.28
CA VAL A 478 39.44 28.17 -22.82
C VAL A 478 40.94 27.94 -22.77
N HIS A 479 41.77 28.96 -23.06
CA HIS A 479 43.23 28.76 -23.19
C HIS A 479 43.69 28.22 -24.56
N ASP A 480 42.76 27.85 -25.43
CA ASP A 480 43.10 27.60 -26.83
C ASP A 480 43.19 28.93 -27.58
N ALA A 481 43.96 28.93 -28.68
CA ALA A 481 44.13 30.09 -29.55
C ALA A 481 43.42 29.85 -30.90
N VAL A 482 42.67 30.85 -31.36
CA VAL A 482 41.77 30.62 -32.47
C VAL A 482 41.65 31.82 -33.40
N ASP A 483 41.39 31.59 -34.69
CA ASP A 483 41.12 32.69 -35.64
C ASP A 483 39.60 32.99 -35.74
N LEU A 484 39.15 33.96 -34.95
CA LEU A 484 37.74 34.44 -34.99
C LEU A 484 37.12 34.58 -36.40
N ALA A 485 37.95 34.90 -37.40
CA ALA A 485 37.49 35.19 -38.74
C ALA A 485 36.75 34.01 -39.37
N ARG A 486 37.15 32.81 -38.98
CA ARG A 486 36.54 31.55 -39.42
C ARG A 486 35.05 31.40 -39.04
N TYR A 487 34.58 32.11 -38.01
CA TYR A 487 33.20 31.91 -37.48
C TYR A 487 32.23 33.08 -37.61
N ASP A 488 30.94 32.76 -37.75
CA ASP A 488 29.87 33.76 -37.75
C ASP A 488 29.46 34.17 -36.31
N VAL A 489 29.46 33.21 -35.38
CA VAL A 489 29.14 33.48 -33.96
C VAL A 489 30.10 32.77 -33.03
N VAL A 490 30.37 33.34 -31.87
CA VAL A 490 31.07 32.60 -30.82
C VAL A 490 30.08 32.35 -29.70
N VAL A 491 30.07 31.12 -29.18
CA VAL A 491 29.19 30.75 -28.09
C VAL A 491 30.04 30.53 -26.85
N MET A 492 29.79 31.31 -25.81
CA MET A 492 30.50 31.16 -24.56
C MET A 492 29.61 30.32 -23.69
N GLY A 493 30.15 29.20 -23.29
CA GLY A 493 29.37 28.10 -22.78
C GLY A 493 29.26 28.00 -21.28
N PRO A 494 28.46 27.03 -20.84
CA PRO A 494 28.32 26.73 -19.45
C PRO A 494 29.56 26.10 -18.83
N GLY A 495 29.63 26.18 -17.50
CA GLY A 495 30.66 25.50 -16.76
C GLY A 495 30.46 25.72 -15.28
N PRO A 496 31.17 24.96 -14.46
CA PRO A 496 31.03 25.02 -13.01
C PRO A 496 31.68 26.25 -12.43
N GLY A 497 31.40 26.57 -11.17
CA GLY A 497 32.09 27.65 -10.48
C GLY A 497 31.29 28.90 -10.24
N ASP A 498 31.88 29.80 -9.44
CA ASP A 498 31.29 31.07 -9.05
C ASP A 498 31.77 32.14 -9.99
N PRO A 499 30.86 32.81 -10.68
CA PRO A 499 31.29 33.78 -11.64
C PRO A 499 31.97 35.00 -11.06
N SER A 500 31.92 35.18 -9.76
CA SER A 500 32.56 36.33 -9.13
C SER A 500 34.01 36.01 -8.82
N ASP A 501 34.41 34.75 -9.06
CA ASP A 501 35.71 34.23 -8.64
C ASP A 501 36.81 34.38 -9.72
N ALA A 502 37.39 35.58 -9.80
CA ALA A 502 38.57 35.83 -10.67
C ALA A 502 39.78 34.93 -10.33
N GLY A 503 39.84 34.47 -9.08
CA GLY A 503 40.91 33.63 -8.56
C GLY A 503 41.09 32.31 -9.29
N ASP A 504 40.05 31.85 -9.97
CA ASP A 504 40.12 30.66 -10.81
C ASP A 504 40.58 31.03 -12.25
N PRO A 505 41.73 30.47 -12.72
CA PRO A 505 42.22 30.87 -14.05
C PRO A 505 41.26 30.64 -15.22
N ARG A 506 40.53 29.53 -15.16
CA ARG A 506 39.50 29.25 -16.13
C ARG A 506 38.48 30.40 -16.22
N ILE A 507 38.03 30.86 -15.06
CA ILE A 507 37.07 31.94 -14.99
C ILE A 507 37.72 33.23 -15.48
N ALA A 508 39.00 33.44 -15.14
CA ALA A 508 39.65 34.69 -15.58
C ALA A 508 39.64 34.73 -17.10
N ARG A 509 39.99 33.61 -17.71
CA ARG A 509 40.11 33.55 -19.16
C ARG A 509 38.75 33.81 -19.82
N LEU A 510 37.67 33.40 -19.16
CA LEU A 510 36.33 33.67 -19.68
C LEU A 510 36.04 35.17 -19.69
N TYR A 511 36.54 35.87 -18.67
CA TYR A 511 36.42 37.30 -18.64
C TYR A 511 37.16 37.91 -19.83
N ALA A 512 38.37 37.43 -20.08
CA ALA A 512 39.19 37.94 -21.18
C ALA A 512 38.50 37.68 -22.54
N TRP A 513 37.99 36.46 -22.72
CA TRP A 513 37.21 36.10 -23.90
C TRP A 513 36.11 37.13 -24.08
N LEU A 514 35.34 37.34 -23.02
CA LEU A 514 34.15 38.14 -23.15
C LEU A 514 34.49 39.60 -23.37
N ARG A 515 35.50 40.11 -22.68
CA ARG A 515 35.96 41.49 -22.93
C ARG A 515 36.40 41.68 -24.39
N HIS A 516 37.12 40.69 -24.89
CA HIS A 516 37.60 40.71 -26.26
C HIS A 516 36.43 40.76 -27.27
N LEU A 517 35.46 39.86 -27.11
CA LEU A 517 34.31 39.75 -28.02
C LEU A 517 33.46 41.02 -28.03
N ILE A 518 33.41 41.68 -26.87
CA ILE A 518 32.75 42.97 -26.76
C ILE A 518 33.59 44.02 -27.45
N ASP A 519 34.89 44.06 -27.16
CA ASP A 519 35.77 45.08 -27.75
C ASP A 519 35.71 44.98 -29.27
N GLU A 520 35.94 43.79 -29.83
CA GLU A 520 35.93 43.61 -31.29
C GLU A 520 34.54 43.67 -31.90
N GLY A 521 33.50 43.51 -31.10
CA GLY A 521 32.14 43.47 -31.64
C GLY A 521 31.82 42.20 -32.43
N LYS A 522 32.49 41.10 -32.09
CA LYS A 522 32.20 39.81 -32.70
C LYS A 522 30.86 39.36 -32.20
N PRO A 523 29.97 38.95 -33.09
CA PRO A 523 28.71 38.46 -32.56
C PRO A 523 28.93 37.26 -31.65
N PHE A 524 28.24 37.27 -30.51
CA PHE A 524 28.34 36.14 -29.58
C PHE A 524 27.09 35.90 -28.77
N MET A 525 27.03 34.70 -28.20
CA MET A 525 25.96 34.27 -27.36
C MET A 525 26.60 33.64 -26.12
N ALA A 526 26.23 34.14 -24.93
CA ALA A 526 26.75 33.59 -23.67
C ALA A 526 25.64 32.92 -22.87
N VAL A 527 26.00 31.88 -22.14
CA VAL A 527 25.06 30.93 -21.59
C VAL A 527 25.50 30.57 -20.17
N CYS A 528 24.54 30.29 -19.27
CA CYS A 528 24.79 30.06 -17.82
C CYS A 528 26.05 30.82 -17.28
N LEU A 529 27.08 30.08 -16.86
CA LEU A 529 28.27 30.72 -16.30
C LEU A 529 28.68 31.90 -17.14
N SER A 530 28.80 31.68 -18.45
CA SER A 530 29.28 32.71 -19.32
C SER A 530 28.34 33.90 -19.25
N HIS A 531 27.05 33.65 -19.21
CA HIS A 531 26.06 34.74 -19.09
C HIS A 531 26.20 35.50 -17.79
N GLN A 532 26.57 34.82 -16.72
CA GLN A 532 26.78 35.51 -15.47
C GLN A 532 28.02 36.40 -15.62
N ILE A 533 29.05 35.89 -16.26
CA ILE A 533 30.26 36.70 -16.38
C ILE A 533 29.97 37.94 -17.25
N LEU A 534 29.16 37.76 -18.29
CA LEU A 534 28.75 38.89 -19.11
C LEU A 534 28.07 39.93 -18.23
N ASN A 535 27.21 39.48 -17.33
CA ASN A 535 26.54 40.45 -16.44
C ASN A 535 27.53 41.24 -15.62
N ALA A 536 28.48 40.54 -15.02
CA ALA A 536 29.47 41.20 -14.18
C ALA A 536 30.22 42.24 -14.99
N ILE A 537 30.57 41.89 -16.23
CA ILE A 537 31.35 42.78 -17.09
C ILE A 537 30.56 44.03 -17.35
N LEU A 538 29.28 43.85 -17.64
CA LEU A 538 28.46 44.96 -17.97
C LEU A 538 28.07 45.72 -16.72
N GLY A 539 28.46 45.23 -15.54
CA GLY A 539 28.21 45.95 -14.28
C GLY A 539 26.92 45.65 -13.54
N ILE A 540 26.23 44.56 -13.90
CA ILE A 540 25.00 44.15 -13.21
C ILE A 540 25.31 43.21 -12.08
N PRO A 541 24.73 43.38 -10.88
CA PRO A 541 25.27 42.63 -9.75
C PRO A 541 24.89 41.17 -9.72
N LEU A 542 25.80 40.33 -9.23
CA LEU A 542 25.53 38.88 -9.04
C LEU A 542 25.32 38.56 -7.59
N VAL A 543 24.39 37.66 -7.33
CA VAL A 543 24.10 37.20 -5.97
C VAL A 543 23.88 35.72 -6.11
N ARG A 544 23.73 35.09 -4.95
CA ARG A 544 23.57 33.67 -4.86
C ARG A 544 22.20 33.42 -4.33
N ARG A 545 21.39 32.63 -5.03
CA ARG A 545 19.99 32.53 -4.65
C ARG A 545 19.78 31.96 -3.25
N GLU A 546 18.68 32.32 -2.61
CA GLU A 546 18.42 31.78 -1.28
C GLU A 546 18.20 30.29 -1.52
N VAL A 547 17.55 29.94 -2.61
CA VAL A 547 17.36 28.53 -2.95
C VAL A 547 17.84 28.24 -4.37
N PRO A 548 18.89 27.42 -4.50
CA PRO A 548 19.39 27.12 -5.85
C PRO A 548 18.37 26.38 -6.71
N ASN A 549 18.32 26.74 -7.99
CA ASN A 549 17.52 26.05 -8.97
C ASN A 549 18.26 24.80 -9.45
N GLN A 550 17.59 23.68 -9.41
CA GLN A 550 18.28 22.42 -9.63
C GLN A 550 17.49 21.55 -10.59
N GLY A 551 17.29 22.07 -11.79
CA GLY A 551 16.51 21.41 -12.83
C GLY A 551 15.04 21.61 -12.60
N ILE A 552 14.62 22.86 -12.69
CA ILE A 552 13.24 23.23 -12.65
C ILE A 552 12.89 23.88 -13.98
N GLN A 553 11.68 23.64 -14.45
CA GLN A 553 11.15 24.37 -15.59
C GLN A 553 10.42 25.56 -15.02
N VAL A 554 10.60 26.74 -15.62
CA VAL A 554 9.93 27.97 -15.18
C VAL A 554 9.36 28.64 -16.38
N GLU A 555 8.14 29.20 -16.30
CA GLU A 555 7.67 30.02 -17.42
C GLU A 555 8.19 31.44 -17.26
N ILE A 556 9.01 31.89 -18.19
CA ILE A 556 9.55 33.23 -18.13
C ILE A 556 9.02 34.06 -19.29
N ASP A 557 9.21 35.37 -19.18
CA ASP A 557 8.90 36.30 -20.24
C ASP A 557 10.22 36.64 -20.88
N LEU A 558 10.48 36.02 -22.01
CA LEU A 558 11.67 36.28 -22.77
C LEU A 558 11.28 37.34 -23.85
N PHE A 559 11.53 38.61 -23.55
CA PHE A 559 11.30 39.69 -24.52
C PHE A 559 9.96 39.67 -25.24
N GLY A 560 8.88 39.58 -24.48
CA GLY A 560 7.55 39.64 -25.05
C GLY A 560 6.86 38.32 -25.31
N GLN A 561 7.63 37.27 -25.61
CA GLN A 561 7.06 35.92 -25.83
C GLN A 561 7.29 35.04 -24.57
N ARG A 562 6.23 34.36 -24.11
CA ARG A 562 6.26 33.46 -22.93
C ARG A 562 6.94 32.16 -23.32
N GLU A 563 7.85 31.66 -22.51
CA GLU A 563 8.61 30.44 -22.81
C GLU A 563 8.78 29.63 -21.54
N ARG A 564 8.89 28.32 -21.66
CA ARG A 564 9.04 27.42 -20.53
C ARG A 564 10.45 26.86 -20.62
N VAL A 565 11.30 27.12 -19.63
CA VAL A 565 12.73 26.80 -19.75
C VAL A 565 13.32 26.19 -18.49
N GLY A 566 14.44 25.47 -18.67
CA GLY A 566 15.03 24.73 -17.58
C GLY A 566 16.12 25.50 -16.91
N PHE A 567 16.07 25.63 -15.59
CA PHE A 567 17.10 26.37 -14.84
C PHE A 567 17.92 25.45 -13.93
N TYR A 568 19.22 25.71 -13.85
CA TYR A 568 20.07 24.95 -12.95
C TYR A 568 20.99 25.83 -12.12
N ASN A 569 20.73 27.11 -12.09
CA ASN A 569 21.70 28.05 -11.50
C ASN A 569 21.63 28.18 -10.01
N THR A 570 22.80 28.32 -9.41
CA THR A 570 22.96 28.63 -7.98
C THR A 570 23.10 30.15 -7.74
N TYR A 571 23.67 30.82 -8.73
CA TYR A 571 23.94 32.25 -8.73
C TYR A 571 23.03 32.90 -9.76
N VAL A 572 22.84 34.21 -9.62
CA VAL A 572 22.08 34.92 -10.62
C VAL A 572 22.39 36.41 -10.53
N ALA A 573 22.36 37.06 -11.69
CA ALA A 573 22.37 38.49 -11.76
C ALA A 573 21.00 38.98 -11.32
N GLN A 574 20.99 40.21 -10.81
CA GLN A 574 19.78 40.80 -10.28
C GLN A 574 19.79 42.29 -10.44
N THR A 575 18.70 42.83 -10.99
CA THR A 575 18.62 44.24 -11.27
C THR A 575 17.20 44.73 -11.27
N VAL A 576 17.06 46.01 -10.96
CA VAL A 576 15.75 46.67 -10.97
C VAL A 576 15.46 47.28 -12.33
N ARG A 577 16.43 47.19 -13.23
CA ARG A 577 16.41 47.87 -14.51
C ARG A 577 15.95 46.93 -15.61
N ASP A 578 15.12 47.44 -16.53
CA ASP A 578 14.75 46.68 -17.73
C ASP A 578 15.67 46.93 -18.90
N GLU A 579 16.59 47.85 -18.75
CA GLU A 579 17.39 48.32 -19.87
C GLU A 579 18.58 49.08 -19.32
N MET A 580 19.67 49.17 -20.05
CA MET A 580 20.74 50.06 -19.61
C MET A 580 21.70 50.41 -20.73
N ASP A 581 22.23 51.63 -20.68
CA ASP A 581 23.30 52.06 -21.57
C ASP A 581 24.66 51.80 -20.94
N VAL A 582 25.54 51.16 -21.71
CA VAL A 582 26.93 50.93 -21.31
C VAL A 582 27.91 51.44 -22.38
N ASP A 583 28.92 52.17 -21.93
CA ASP A 583 30.04 52.68 -22.76
C ASP A 583 30.53 51.82 -23.94
N GLY A 584 31.10 50.66 -23.65
CA GLY A 584 31.62 49.77 -24.69
C GLY A 584 30.72 49.50 -25.89
N VAL A 585 29.39 49.43 -25.69
CA VAL A 585 28.51 49.06 -26.80
C VAL A 585 27.09 49.66 -26.98
N GLY A 586 26.54 50.38 -26.01
CA GLY A 586 25.22 51.00 -26.20
C GLY A 586 24.14 50.34 -25.35
N THR A 587 22.96 50.19 -25.93
CA THR A 587 21.77 49.75 -25.18
C THR A 587 21.65 48.24 -25.04
N VAL A 588 21.69 47.76 -23.80
CA VAL A 588 21.45 46.35 -23.49
C VAL A 588 20.04 46.22 -22.93
N ALA A 589 19.20 45.41 -23.58
CA ALA A 589 17.88 45.07 -23.06
C ALA A 589 18.03 43.95 -22.03
N ILE A 590 17.38 44.11 -20.88
CA ILE A 590 17.38 43.07 -19.83
C ILE A 590 16.01 42.42 -19.68
N SER A 591 15.96 41.10 -19.86
CA SER A 591 14.77 40.34 -19.52
C SER A 591 14.97 39.72 -18.14
N ARG A 592 14.01 39.97 -17.24
CA ARG A 592 14.11 39.67 -15.82
C ARG A 592 12.72 39.36 -15.23
N ASP A 593 12.67 38.63 -14.12
CA ASP A 593 11.40 38.46 -13.40
C ASP A 593 11.02 39.75 -12.69
N PRO A 594 9.95 40.40 -13.15
CA PRO A 594 9.62 41.72 -12.61
C PRO A 594 9.36 41.74 -11.12
N ARG A 595 8.99 40.61 -10.54
CA ARG A 595 8.89 40.58 -9.09
C ARG A 595 10.27 40.78 -8.48
N THR A 596 11.17 39.83 -8.77
CA THR A 596 12.35 39.60 -7.96
C THR A 596 13.57 40.26 -8.53
N GLY A 597 13.51 40.69 -9.78
CA GLY A 597 14.67 41.30 -10.40
C GLY A 597 15.68 40.32 -10.97
N GLU A 598 15.44 39.02 -10.87
CA GLU A 598 16.42 38.03 -11.37
C GLU A 598 16.49 38.11 -12.84
N VAL A 599 17.70 38.22 -13.37
CA VAL A 599 17.88 38.36 -14.82
C VAL A 599 17.88 37.00 -15.50
N HIS A 600 17.10 36.90 -16.58
CA HIS A 600 17.00 35.66 -17.38
C HIS A 600 17.87 35.73 -18.61
N ALA A 601 17.86 36.88 -19.28
CA ALA A 601 18.56 37.03 -20.56
C ALA A 601 19.00 38.47 -20.76
N LEU A 602 20.09 38.67 -21.48
CA LEU A 602 20.45 39.97 -22.00
C LEU A 602 20.42 39.98 -23.52
N ARG A 603 20.11 41.13 -24.08
CA ARG A 603 20.20 41.33 -25.52
C ARG A 603 20.88 42.65 -25.77
N GLY A 604 22.07 42.59 -26.34
CA GLY A 604 22.81 43.79 -26.70
C GLY A 604 22.96 43.91 -28.21
N PRO A 605 23.70 44.91 -28.66
CA PRO A 605 23.87 45.16 -30.09
C PRO A 605 24.62 44.04 -30.83
N THR A 606 25.62 43.48 -30.16
CA THR A 606 26.56 42.57 -30.75
C THR A 606 26.28 41.15 -30.28
N PHE A 607 25.32 40.97 -29.37
CA PHE A 607 25.29 39.73 -28.63
C PHE A 607 23.96 39.48 -27.97
N SER A 608 23.83 38.25 -27.46
CA SER A 608 22.68 37.85 -26.66
C SER A 608 23.10 36.79 -25.64
N SER A 609 22.38 36.66 -24.52
CA SER A 609 22.78 35.72 -23.46
C SER A 609 21.61 35.22 -22.69
N MET A 610 21.82 34.14 -21.96
CA MET A 610 20.73 33.44 -21.26
C MET A 610 21.24 32.75 -20.01
N GLN A 611 20.49 32.89 -18.93
CA GLN A 611 20.78 32.18 -17.68
C GLN A 611 20.33 30.72 -17.73
N PHE A 612 19.34 30.42 -18.59
CA PHE A 612 18.75 29.08 -18.62
C PHE A 612 19.41 28.14 -19.65
N HIS A 613 19.14 26.86 -19.52
CA HIS A 613 19.66 25.91 -20.46
C HIS A 613 18.68 25.67 -21.60
N ALA A 614 18.85 26.38 -22.69
CA ALA A 614 17.98 26.12 -23.82
C ALA A 614 17.99 24.62 -24.19
N GLU A 615 19.08 23.92 -23.88
CA GLU A 615 19.27 22.53 -24.32
C GLU A 615 18.68 21.46 -23.47
N SER A 616 18.25 21.83 -22.27
CA SER A 616 17.83 20.86 -21.30
C SER A 616 16.59 20.13 -21.77
N VAL A 617 16.42 18.95 -21.21
CA VAL A 617 15.23 18.19 -21.42
C VAL A 617 14.05 18.97 -20.83
N LEU A 618 14.33 19.95 -19.97
CA LEU A 618 13.30 20.76 -19.28
C LEU A 618 12.86 22.01 -20.04
N THR A 619 13.43 22.25 -21.22
CA THR A 619 13.08 23.46 -21.96
C THR A 619 12.17 23.10 -23.09
N VAL A 620 11.18 23.95 -23.40
CA VAL A 620 10.25 23.58 -24.45
C VAL A 620 10.90 23.72 -25.82
N ASP A 621 10.95 24.91 -26.42
CA ASP A 621 11.39 24.94 -27.85
C ASP A 621 12.82 25.39 -27.94
N GLY A 622 13.71 24.60 -27.35
CA GLY A 622 15.08 25.05 -27.20
C GLY A 622 15.73 25.46 -28.52
N PRO A 623 15.74 24.55 -29.49
CA PRO A 623 16.39 24.87 -30.76
C PRO A 623 15.95 26.22 -31.29
N ARG A 624 14.64 26.49 -31.25
CA ARG A 624 14.09 27.79 -31.64
C ARG A 624 14.60 28.96 -30.78
N ILE A 625 14.71 28.73 -29.49
CA ILE A 625 15.15 29.79 -28.61
C ILE A 625 16.56 30.17 -28.97
N LEU A 626 17.45 29.18 -29.14
CA LEU A 626 18.84 29.55 -29.47
C LEU A 626 18.95 30.07 -30.86
N GLY A 627 18.12 29.55 -31.75
CA GLY A 627 17.96 30.15 -33.05
C GLY A 627 17.73 31.65 -32.94
N GLU A 628 16.75 32.03 -32.14
CA GLU A 628 16.39 33.43 -32.04
C GLU A 628 17.55 34.29 -31.48
N ALA A 629 18.23 33.74 -30.47
CA ALA A 629 19.40 34.40 -29.86
C ALA A 629 20.54 34.61 -30.85
N ILE A 630 20.90 33.56 -31.59
CA ILE A 630 21.98 33.63 -32.54
C ILE A 630 21.61 34.63 -33.61
N THR A 631 20.42 34.45 -34.17
CA THR A 631 19.93 35.36 -35.15
C THR A 631 20.09 36.79 -34.67
N HIS A 632 19.67 37.06 -33.44
CA HIS A 632 19.77 38.43 -32.94
C HIS A 632 21.24 38.88 -32.82
N ALA A 633 22.10 38.02 -32.31
CA ALA A 633 23.52 38.36 -32.15
C ALA A 633 24.15 38.86 -33.45
N ILE A 634 23.68 38.31 -34.57
CA ILE A 634 24.26 38.62 -35.88
C ILE A 634 23.58 39.84 -36.51
N ARG A 635 24.26 40.99 -36.47
CA ARG A 635 23.74 42.27 -36.99
C ARG A 635 24.77 43.37 -36.89
N ARG B 9 23.66 -29.24 -18.09
CA ARG B 9 24.53 -30.35 -18.61
C ARG B 9 25.93 -30.30 -17.99
N ASN B 10 26.94 -30.85 -18.69
CA ASN B 10 28.33 -30.94 -18.19
C ASN B 10 28.88 -29.71 -17.46
N LEU B 11 28.45 -28.52 -17.89
CA LEU B 11 28.78 -27.24 -17.22
C LEU B 11 27.90 -27.03 -15.99
N PHE B 12 26.58 -27.01 -16.17
CA PHE B 12 25.64 -26.74 -15.07
C PHE B 12 25.80 -27.72 -13.92
N ASP B 13 25.88 -29.01 -14.27
CA ASP B 13 26.01 -30.13 -13.30
C ASP B 13 27.45 -30.39 -12.84
N ARG B 14 28.43 -29.74 -13.48
CA ARG B 14 29.79 -29.64 -12.93
C ARG B 14 29.94 -28.34 -12.13
N VAL B 15 29.13 -27.32 -12.44
CA VAL B 15 29.03 -26.11 -11.62
C VAL B 15 28.47 -26.53 -10.27
N LEU B 16 27.26 -27.10 -10.29
CA LEU B 16 26.56 -27.51 -9.04
C LEU B 16 27.32 -28.54 -8.18
N HIS B 17 28.04 -29.45 -8.82
CA HIS B 17 28.79 -30.48 -8.07
C HIS B 17 30.12 -29.96 -7.49
N GLY B 18 30.56 -28.77 -7.92
CA GLY B 18 31.74 -28.11 -7.33
C GLY B 18 33.06 -28.27 -8.07
N GLN B 19 33.05 -28.93 -9.22
CA GLN B 19 34.26 -29.20 -10.02
C GLN B 19 34.54 -28.09 -11.04
N ALA B 20 33.86 -26.96 -10.88
CA ALA B 20 34.17 -25.73 -11.59
C ALA B 20 34.69 -24.74 -10.57
N PRO B 21 36.00 -24.42 -10.62
CA PRO B 21 36.60 -23.53 -9.61
C PRO B 21 36.16 -22.06 -9.73
N CYS B 22 35.75 -21.67 -10.92
CA CYS B 22 35.47 -20.26 -11.21
C CYS B 22 34.31 -20.16 -12.19
N PHE B 23 33.21 -19.51 -11.80
CA PHE B 23 31.99 -19.55 -12.64
C PHE B 23 31.04 -18.40 -12.46
N ALA B 24 30.03 -18.36 -13.33
CA ALA B 24 28.90 -17.48 -13.11
C ALA B 24 27.61 -18.09 -13.69
N LEU B 25 26.50 -17.87 -12.99
CA LEU B 25 25.18 -18.09 -13.56
C LEU B 25 24.56 -16.71 -13.68
N ILE B 26 24.08 -16.38 -14.87
CA ILE B 26 23.41 -15.12 -15.09
C ILE B 26 22.13 -15.43 -15.85
N ALA B 27 21.02 -14.89 -15.35
CA ALA B 27 19.69 -15.12 -15.89
C ALA B 27 19.11 -13.78 -16.32
N ARG B 28 18.68 -13.70 -17.58
CA ARG B 28 18.29 -12.44 -18.19
C ARG B 28 16.94 -12.51 -18.90
N SER B 29 16.22 -11.38 -18.91
CA SER B 29 14.97 -11.22 -19.67
C SER B 29 15.32 -10.66 -21.06
N THR B 30 15.32 -11.54 -22.07
CA THR B 30 15.59 -11.16 -23.46
C THR B 30 14.29 -11.20 -24.26
N ALA B 37 12.25 -19.46 -20.61
CA ALA B 37 13.25 -18.47 -20.22
C ALA B 37 14.51 -19.19 -19.71
N MET B 38 15.61 -18.97 -20.42
CA MET B 38 16.85 -19.71 -20.16
C MET B 38 17.76 -18.95 -19.19
N ILE B 39 18.79 -19.63 -18.71
CA ILE B 39 19.85 -18.99 -17.89
C ILE B 39 21.26 -19.39 -18.39
N ASP B 40 22.19 -18.44 -18.33
CA ASP B 40 23.52 -18.58 -18.92
C ASP B 40 24.53 -19.08 -17.88
N VAL B 41 25.29 -20.12 -18.20
CA VAL B 41 26.35 -20.58 -17.30
C VAL B 41 27.75 -20.49 -17.95
N PHE B 42 28.70 -19.90 -17.21
CA PHE B 42 30.04 -19.55 -17.69
C PHE B 42 31.11 -20.07 -16.76
N ALA B 43 32.27 -20.39 -17.32
CA ALA B 43 33.42 -20.72 -16.52
C ALA B 43 34.66 -20.40 -17.32
N GLY B 44 35.71 -19.99 -16.63
CA GLY B 44 36.99 -19.75 -17.27
C GLY B 44 38.03 -19.25 -16.29
N ALA B 45 39.09 -18.66 -16.82
CA ALA B 45 40.20 -18.14 -16.00
C ALA B 45 39.78 -16.82 -15.39
N VAL B 46 39.96 -16.69 -14.07
CA VAL B 46 39.76 -15.42 -13.38
C VAL B 46 41.07 -14.63 -13.50
N SER B 47 40.93 -13.37 -13.89
CA SER B 47 42.05 -12.58 -14.39
C SER B 47 41.87 -11.17 -13.83
N TYR B 48 42.94 -10.53 -13.35
CA TYR B 48 42.83 -9.23 -12.68
C TYR B 48 43.66 -8.19 -13.45
N PRO B 49 43.09 -7.66 -14.54
CA PRO B 49 43.85 -6.70 -15.36
C PRO B 49 44.27 -5.45 -14.60
N SER B 50 45.34 -4.84 -15.07
CA SER B 50 45.88 -3.58 -14.52
C SER B 50 44.98 -2.34 -14.73
N SER B 51 44.13 -2.37 -15.74
CA SER B 51 43.27 -1.24 -16.10
C SER B 51 42.27 -1.67 -17.16
N LEU B 52 41.26 -0.84 -17.41
CA LEU B 52 40.32 -1.12 -18.48
C LEU B 52 41.02 -1.24 -19.84
N ALA B 53 42.06 -0.44 -20.06
CA ALA B 53 42.80 -0.51 -21.32
C ALA B 53 43.29 -1.93 -21.51
N GLU B 54 43.70 -2.57 -20.44
CA GLU B 54 44.25 -3.92 -20.57
C GLU B 54 43.26 -5.07 -20.30
N LEU B 55 41.98 -4.87 -20.55
CA LEU B 55 41.04 -5.99 -20.50
C LEU B 55 41.40 -6.95 -21.61
N PRO B 56 41.52 -8.26 -21.32
CA PRO B 56 42.05 -9.25 -22.28
C PRO B 56 41.10 -9.59 -23.44
N LEU B 57 41.13 -8.77 -24.50
CA LEU B 57 40.25 -8.94 -25.64
C LEU B 57 41.01 -9.34 -26.89
N ALA B 58 40.72 -10.53 -27.40
CA ALA B 58 41.24 -11.03 -28.67
C ALA B 58 40.94 -10.08 -29.84
N ALA B 59 41.64 -10.27 -30.95
CA ALA B 59 41.37 -9.50 -32.16
C ALA B 59 40.00 -9.95 -32.67
N PRO B 60 39.26 -9.03 -33.28
CA PRO B 60 37.90 -9.37 -33.66
C PRO B 60 37.84 -10.48 -34.70
N THR B 61 36.95 -11.44 -34.47
CA THR B 61 36.75 -12.54 -35.40
C THR B 61 35.27 -12.93 -35.40
N ALA B 62 34.86 -13.65 -36.44
CA ALA B 62 33.48 -14.11 -36.55
C ALA B 62 33.49 -15.62 -36.58
N THR B 63 32.86 -16.24 -35.59
CA THR B 63 32.75 -17.70 -35.45
C THR B 63 31.56 -18.20 -36.25
N GLY B 64 30.63 -17.29 -36.54
CA GLY B 64 29.39 -17.64 -37.22
C GLY B 64 28.24 -17.79 -36.23
N ALA B 65 28.58 -18.00 -34.97
CA ALA B 65 27.63 -17.98 -33.88
C ALA B 65 27.90 -16.77 -33.00
N ASP B 66 26.86 -16.23 -32.38
CA ASP B 66 27.04 -15.30 -31.24
C ASP B 66 27.91 -15.97 -30.21
N ARG B 67 28.63 -15.18 -29.42
CA ARG B 67 29.50 -15.75 -28.42
C ARG B 67 29.97 -14.69 -27.45
N GLN B 68 30.40 -15.14 -26.31
CA GLN B 68 30.76 -14.23 -25.24
C GLN B 68 32.25 -14.40 -25.01
N GLU B 69 32.98 -13.32 -24.77
CA GLU B 69 34.45 -13.37 -24.69
C GLU B 69 34.90 -13.24 -23.25
N LEU B 70 34.34 -12.27 -22.51
CA LEU B 70 34.61 -12.23 -21.07
C LEU B 70 33.52 -11.56 -20.23
N LEU B 71 33.53 -11.90 -18.95
CA LEU B 71 32.67 -11.28 -17.96
C LEU B 71 33.52 -10.45 -17.01
N VAL B 72 33.12 -9.20 -16.78
CA VAL B 72 33.96 -8.26 -16.05
C VAL B 72 33.21 -7.56 -14.94
N MET B 73 33.89 -7.41 -13.81
CA MET B 73 33.31 -6.76 -12.67
C MET B 73 34.12 -5.50 -12.45
N VAL B 74 33.47 -4.36 -12.61
CA VAL B 74 34.16 -3.08 -12.52
C VAL B 74 33.85 -2.45 -11.17
N PRO B 75 34.87 -2.27 -10.32
CA PRO B 75 34.64 -1.64 -9.00
C PRO B 75 34.55 -0.13 -9.06
N TYR B 76 33.94 0.46 -8.05
CA TYR B 76 33.69 1.88 -8.02
C TYR B 76 35.02 2.65 -8.03
N ARG B 77 36.04 2.10 -7.36
CA ARG B 77 37.38 2.67 -7.43
C ARG B 77 37.80 3.07 -8.84
N GLN B 78 37.39 2.28 -9.83
CA GLN B 78 38.05 2.35 -11.12
C GLN B 78 37.99 3.78 -11.63
N LEU B 79 37.09 4.60 -11.06
CA LEU B 79 37.03 6.00 -11.43
C LEU B 79 38.33 6.79 -11.44
N HIS B 80 39.41 6.31 -10.82
CA HIS B 80 40.64 7.07 -10.92
C HIS B 80 40.98 7.20 -12.39
N GLU B 81 40.67 6.18 -13.17
CA GLU B 81 40.84 6.20 -14.63
C GLU B 81 40.32 7.43 -15.37
N ARG B 82 39.39 8.15 -14.74
CA ARG B 82 38.81 9.36 -15.29
C ARG B 82 39.27 10.62 -14.53
N GLY B 83 40.15 10.43 -13.57
CA GLY B 83 40.62 11.54 -12.78
C GLY B 83 39.67 11.91 -11.66
N PHE B 84 38.66 11.09 -11.37
CA PHE B 84 37.70 11.41 -10.30
C PHE B 84 38.08 10.80 -8.93
N LYS B 85 37.83 11.57 -7.85
CA LYS B 85 38.26 11.23 -6.47
C LYS B 85 37.40 10.12 -5.88
N THR B 86 38.06 9.18 -5.21
CA THR B 86 37.45 7.92 -4.79
C THR B 86 38.04 7.50 -3.43
N HIS B 87 37.62 6.35 -2.90
CA HIS B 87 38.34 5.69 -1.80
C HIS B 87 38.94 4.36 -2.33
N ASP B 88 40.14 4.02 -1.88
CA ASP B 88 40.74 2.71 -2.21
C ASP B 88 40.13 1.65 -1.30
N ASP B 89 39.38 0.71 -1.87
CA ASP B 89 38.83 -0.40 -1.09
C ASP B 89 39.80 -1.57 -1.25
N GLY B 90 40.92 -1.33 -1.94
CA GLY B 90 41.72 -2.42 -2.46
C GLY B 90 41.00 -3.16 -3.58
N ALA B 91 39.83 -2.69 -3.99
CA ALA B 91 38.94 -3.43 -4.89
C ALA B 91 39.44 -3.38 -6.33
N PRO B 92 39.86 -4.53 -6.89
CA PRO B 92 40.46 -4.65 -8.22
C PRO B 92 39.50 -4.86 -9.38
N LEU B 93 40.04 -4.75 -10.59
CA LEU B 93 39.27 -4.94 -11.81
C LEU B 93 39.29 -6.44 -12.09
N VAL B 94 38.14 -7.03 -12.36
CA VAL B 94 38.03 -8.48 -12.42
C VAL B 94 37.48 -8.98 -13.75
N ALA B 95 38.22 -9.87 -14.40
CA ALA B 95 37.80 -10.42 -15.68
C ALA B 95 37.72 -11.93 -15.55
N ILE B 96 36.63 -12.50 -16.03
CA ILE B 96 36.49 -13.93 -16.18
C ILE B 96 36.38 -14.21 -17.66
N THR B 97 37.43 -14.79 -18.24
CA THR B 97 37.34 -15.30 -19.62
C THR B 97 36.20 -16.37 -19.69
N CYS B 98 35.40 -16.31 -20.74
CA CYS B 98 34.31 -17.25 -20.93
C CYS B 98 34.77 -18.40 -21.84
N ASP B 99 35.64 -19.25 -21.27
CA ASP B 99 36.11 -20.48 -21.93
C ASP B 99 34.96 -21.42 -22.25
N GLU B 100 34.03 -21.56 -21.34
CA GLU B 100 32.86 -22.41 -21.51
C GLU B 100 31.59 -21.62 -21.32
N HIS B 101 30.57 -21.88 -22.14
CA HIS B 101 29.30 -21.18 -22.00
C HIS B 101 28.13 -22.02 -22.50
N GLU B 102 27.35 -22.56 -21.56
CA GLU B 102 26.16 -23.35 -21.88
C GLU B 102 24.90 -22.68 -21.32
N THR B 103 23.76 -23.00 -21.95
CA THR B 103 22.47 -22.37 -21.67
C THR B 103 21.52 -23.41 -21.07
N VAL B 104 20.89 -23.10 -19.94
CA VAL B 104 19.98 -24.02 -19.26
C VAL B 104 18.54 -23.59 -19.55
N SER B 105 17.61 -24.42 -19.12
CA SER B 105 16.20 -24.06 -19.00
C SER B 105 15.91 -23.83 -17.52
N ALA B 106 15.43 -22.63 -17.20
CA ALA B 106 15.23 -22.20 -15.81
C ALA B 106 14.34 -23.18 -15.00
N GLN B 107 13.38 -23.82 -15.66
CA GLN B 107 12.48 -24.74 -14.98
C GLN B 107 13.25 -25.91 -14.34
N LEU B 108 14.08 -26.61 -15.11
CA LEU B 108 14.89 -27.73 -14.56
C LEU B 108 16.03 -27.22 -13.66
N ALA B 109 16.60 -26.08 -14.00
CA ALA B 109 17.77 -25.54 -13.28
C ALA B 109 17.41 -25.24 -11.84
N LEU B 110 16.32 -24.50 -11.66
CA LEU B 110 15.79 -24.25 -10.32
C LEU B 110 15.52 -25.59 -9.60
N ALA B 111 14.90 -26.54 -10.31
CA ALA B 111 14.62 -27.88 -9.77
C ALA B 111 15.79 -28.48 -8.98
N ALA B 112 17.01 -28.33 -9.47
CA ALA B 112 18.22 -28.65 -8.68
C ALA B 112 18.55 -27.44 -7.78
N ILE B 113 18.79 -27.71 -6.50
CA ILE B 113 19.05 -26.65 -5.52
C ILE B 113 19.63 -27.26 -4.24
N PRO B 114 20.91 -26.96 -3.93
CA PRO B 114 21.55 -27.62 -2.81
C PRO B 114 21.27 -26.93 -1.45
N ASP B 115 20.01 -26.60 -1.19
CA ASP B 115 19.64 -25.67 -0.10
C ASP B 115 20.43 -25.88 1.19
N ALA B 116 20.72 -24.77 1.90
CA ALA B 116 21.58 -24.79 3.10
C ALA B 116 21.07 -23.74 4.08
N ASP B 117 21.61 -23.77 5.31
CA ASP B 117 21.33 -22.67 6.24
C ASP B 117 21.96 -21.43 5.60
N THR B 118 21.10 -20.62 4.97
CA THR B 118 21.49 -19.39 4.28
C THR B 118 21.10 -18.22 5.20
N ALA B 119 21.23 -18.44 6.52
CA ALA B 119 21.08 -17.39 7.56
C ALA B 119 22.17 -16.31 7.43
N LEU B 120 22.22 -15.36 8.35
CA LEU B 120 23.36 -14.39 8.38
C LEU B 120 23.62 -13.79 9.77
N GLY B 121 24.70 -14.21 10.43
CA GLY B 121 24.96 -13.80 11.81
C GLY B 121 25.45 -12.36 11.94
N GLU B 122 25.04 -11.68 13.02
CA GLU B 122 25.30 -10.25 13.20
C GLU B 122 24.94 -9.42 11.92
N ARG B 123 23.65 -9.31 11.60
CA ARG B 123 23.19 -8.57 10.42
C ARG B 123 22.97 -7.11 10.82
N HIS B 124 23.99 -6.28 10.60
CA HIS B 124 24.08 -4.90 11.10
C HIS B 124 24.61 -3.99 9.97
N PHE B 125 24.35 -2.70 10.08
CA PHE B 125 24.80 -1.71 9.09
C PHE B 125 26.14 -1.06 9.48
N ASP B 126 26.97 -0.82 8.47
CA ASP B 126 28.06 0.17 8.50
C ASP B 126 27.64 1.42 9.31
N ILE B 127 26.52 2.02 8.91
CA ILE B 127 26.17 3.38 9.30
C ILE B 127 25.26 3.44 10.52
N ASP B 128 24.13 2.73 10.49
CA ASP B 128 23.18 2.72 11.61
C ASP B 128 22.38 4.05 11.76
N ASP B 129 21.09 3.93 12.06
CA ASP B 129 20.13 5.01 11.79
C ASP B 129 20.44 6.37 12.42
N GLU B 130 21.06 6.36 13.59
CA GLU B 130 21.47 7.60 14.27
C GLU B 130 22.61 8.30 13.50
N ALA B 131 23.69 7.58 13.18
CA ALA B 131 24.85 8.19 12.49
C ALA B 131 24.56 8.49 11.00
N TYR B 132 23.78 7.63 10.35
CA TYR B 132 23.47 7.76 8.92
C TYR B 132 22.63 8.99 8.67
N ALA B 133 21.65 9.22 9.54
CA ALA B 133 20.79 10.40 9.40
C ALA B 133 21.62 11.68 9.46
N GLU B 134 22.71 11.69 10.25
CA GLU B 134 23.61 12.84 10.35
C GLU B 134 24.33 13.11 9.02
N ILE B 135 25.00 12.09 8.48
CA ILE B 135 25.73 12.25 7.20
C ILE B 135 24.77 12.64 6.08
N VAL B 136 23.62 11.96 5.98
CA VAL B 136 22.61 12.32 4.99
C VAL B 136 22.16 13.77 5.15
N GLU B 137 21.88 14.21 6.37
CA GLU B 137 21.44 15.59 6.59
C GLU B 137 22.52 16.55 6.09
N ARG B 138 23.78 16.28 6.44
CA ARG B 138 24.86 17.15 6.04
C ARG B 138 24.87 17.29 4.51
N VAL B 139 24.63 16.20 3.80
CA VAL B 139 24.66 16.19 2.34
C VAL B 139 23.44 16.96 1.76
N ILE B 140 22.24 16.68 2.29
CA ILE B 140 21.03 17.43 1.85
C ILE B 140 21.16 18.96 2.10
N THR B 141 21.79 19.35 3.21
CA THR B 141 21.81 20.77 3.53
C THR B 141 23.11 21.43 3.05
N ASP B 142 24.26 20.81 3.23
CA ASP B 142 25.53 21.46 2.90
C ASP B 142 25.94 21.32 1.44
N GLU B 143 25.47 20.28 0.77
CA GLU B 143 25.87 20.08 -0.61
C GLU B 143 24.72 20.44 -1.54
N ILE B 144 23.65 19.65 -1.56
CA ILE B 144 22.49 19.92 -2.43
C ILE B 144 21.96 21.34 -2.23
N GLY B 145 21.73 21.70 -0.99
CA GLY B 145 21.25 23.03 -0.67
C GLY B 145 22.25 24.15 -0.97
N THR B 146 23.51 23.78 -1.18
CA THR B 146 24.62 24.70 -1.42
C THR B 146 24.96 24.83 -2.90
N GLY B 147 24.32 24.07 -3.75
CA GLY B 147 24.52 24.26 -5.17
C GLY B 147 25.51 23.28 -5.73
N ALA B 148 26.03 22.40 -4.88
CA ALA B 148 27.01 21.39 -5.29
C ALA B 148 26.47 20.51 -6.41
N GLY B 149 25.16 20.24 -6.38
CA GLY B 149 24.53 19.41 -7.40
C GLY B 149 23.09 19.12 -7.10
N SER B 150 22.38 18.61 -8.10
CA SER B 150 20.93 18.46 -8.05
C SER B 150 20.48 17.21 -7.25
N ASN B 151 21.08 16.05 -7.50
CA ASN B 151 20.82 14.88 -6.66
C ASN B 151 22.05 14.05 -6.53
N PHE B 152 22.06 13.21 -5.51
CA PHE B 152 23.24 12.46 -5.12
C PHE B 152 22.85 11.13 -4.53
N VAL B 153 23.69 10.12 -4.72
CA VAL B 153 23.43 8.80 -4.13
C VAL B 153 24.44 8.49 -3.06
N ILE B 154 23.93 8.29 -1.84
CA ILE B 154 24.75 8.01 -0.68
C ILE B 154 24.37 6.64 -0.10
N LYS B 155 25.40 5.86 0.24
CA LYS B 155 25.23 4.46 0.64
C LYS B 155 25.85 4.08 2.00
N ARG B 156 25.25 3.06 2.60
CA ARG B 156 25.85 2.32 3.70
C ARG B 156 25.78 0.82 3.39
N THR B 157 26.60 0.05 4.09
CA THR B 157 26.70 -1.38 3.84
C THR B 157 26.03 -2.15 4.95
N LEU B 158 25.12 -3.06 4.61
CA LEU B 158 24.73 -4.03 5.63
C LEU B 158 25.62 -5.26 5.58
N GLU B 159 25.99 -5.72 6.76
CA GLU B 159 27.00 -6.76 6.92
C GLU B 159 26.45 -7.92 7.74
N GLY B 160 26.99 -9.11 7.48
CA GLY B 160 26.62 -10.34 8.19
C GLY B 160 27.55 -11.51 7.90
N ASP B 161 27.46 -12.53 8.73
CA ASP B 161 28.43 -13.62 8.76
C ASP B 161 27.72 -14.92 8.41
N LEU B 162 28.27 -15.70 7.48
CA LEU B 162 27.56 -16.85 6.89
C LEU B 162 27.89 -18.23 7.52
N ASP B 163 26.87 -19.00 7.88
CA ASP B 163 27.06 -20.32 8.54
C ASP B 163 27.60 -21.37 7.55
N ASP B 164 28.60 -22.14 7.99
CA ASP B 164 29.29 -23.15 7.14
C ASP B 164 30.01 -22.61 5.87
N TYR B 165 29.38 -21.66 5.15
CA TYR B 165 29.99 -20.98 3.96
C TYR B 165 30.12 -21.83 2.68
N SER B 166 30.78 -21.26 1.67
CA SER B 166 31.10 -21.90 0.36
C SER B 166 30.11 -21.53 -0.75
N PRO B 167 30.50 -21.71 -2.03
CA PRO B 167 29.60 -21.44 -3.16
C PRO B 167 28.24 -22.17 -3.14
N ALA B 168 28.18 -23.33 -2.47
CA ALA B 168 26.93 -24.09 -2.34
C ALA B 168 25.85 -23.21 -1.68
N LYS B 169 26.27 -22.29 -0.81
CA LYS B 169 25.37 -21.33 -0.17
C LYS B 169 24.95 -20.22 -1.12
N ALA B 170 25.88 -19.64 -1.86
CA ALA B 170 25.53 -18.59 -2.83
C ALA B 170 24.46 -19.10 -3.83
N LEU B 171 24.59 -20.37 -4.22
CA LEU B 171 23.63 -20.99 -5.15
C LEU B 171 22.20 -20.99 -4.58
N ALA B 172 22.08 -21.41 -3.34
CA ALA B 172 20.78 -21.46 -2.68
C ALA B 172 20.13 -20.07 -2.72
N VAL B 173 20.90 -19.04 -2.38
CA VAL B 173 20.35 -17.70 -2.35
C VAL B 173 19.92 -17.30 -3.77
N PHE B 174 20.70 -17.72 -4.75
CA PHE B 174 20.37 -17.48 -6.14
C PHE B 174 19.03 -18.12 -6.52
N LYS B 175 18.79 -19.34 -6.02
CA LYS B 175 17.56 -20.08 -6.34
C LYS B 175 16.34 -19.31 -5.82
N ARG B 176 16.43 -18.81 -4.59
CA ARG B 176 15.30 -18.09 -3.99
C ARG B 176 15.04 -16.78 -4.73
N LEU B 177 16.13 -16.15 -5.18
CA LEU B 177 16.05 -14.89 -5.92
C LEU B 177 15.36 -15.14 -7.24
N MET B 178 15.60 -16.30 -7.82
CA MET B 178 14.97 -16.62 -9.09
C MET B 178 13.47 -16.83 -8.96
N ARG B 179 13.03 -17.45 -7.87
CA ARG B 179 11.62 -17.78 -7.72
C ARG B 179 10.76 -16.51 -7.54
N ARG B 180 11.13 -15.67 -6.58
CA ARG B 180 10.26 -14.54 -6.19
C ARG B 180 10.48 -13.21 -6.93
N GLU B 181 11.72 -12.77 -7.08
CA GLU B 181 12.00 -11.48 -7.74
C GLU B 181 11.98 -11.60 -9.28
N VAL B 182 10.97 -12.29 -9.81
CA VAL B 182 10.79 -12.45 -11.24
C VAL B 182 10.48 -11.09 -11.89
N GLY B 183 11.46 -10.54 -12.61
CA GLY B 183 11.37 -9.20 -13.25
C GLY B 183 12.64 -8.35 -13.36
N ALA B 184 13.65 -8.68 -12.56
CA ALA B 184 14.91 -7.92 -12.52
C ALA B 184 15.61 -8.01 -13.85
N TYR B 185 16.58 -7.12 -14.06
CA TYR B 185 17.29 -7.09 -15.33
C TYR B 185 18.26 -8.26 -15.42
N TRP B 186 19.12 -8.42 -14.40
CA TRP B 186 19.98 -9.61 -14.24
C TRP B 186 19.75 -10.19 -12.88
N ILE B 187 19.61 -11.52 -12.82
CA ILE B 187 19.71 -12.22 -11.54
C ILE B 187 20.87 -13.14 -11.68
N PHE B 188 21.78 -13.17 -10.71
CA PHE B 188 23.05 -13.85 -10.91
C PHE B 188 23.76 -14.30 -9.65
N VAL B 189 24.67 -15.27 -9.86
CA VAL B 189 25.72 -15.59 -8.89
C VAL B 189 27.05 -15.71 -9.65
N ILE B 190 28.05 -14.95 -9.21
CA ILE B 190 29.32 -14.92 -9.89
C ILE B 190 30.38 -15.25 -8.86
N HIS B 191 31.24 -16.21 -9.20
CA HIS B 191 32.26 -16.72 -8.29
C HIS B 191 33.66 -16.58 -8.93
N THR B 192 34.49 -15.78 -8.28
CA THR B 192 35.92 -15.68 -8.56
C THR B 192 36.54 -16.72 -7.60
N GLY B 193 37.85 -16.69 -7.40
CA GLY B 193 38.43 -17.53 -6.34
C GLY B 193 38.27 -16.86 -4.98
N GLU B 194 38.61 -15.57 -4.94
CA GLU B 194 38.72 -14.80 -3.72
C GLU B 194 37.44 -14.02 -3.36
N ARG B 195 36.35 -14.15 -4.12
CA ARG B 195 35.10 -13.41 -3.87
C ARG B 195 33.93 -14.04 -4.61
N THR B 196 32.71 -13.85 -4.09
CA THR B 196 31.47 -14.28 -4.76
C THR B 196 30.53 -13.07 -4.82
N PHE B 197 29.65 -13.05 -5.82
CA PHE B 197 28.61 -12.03 -5.94
C PHE B 197 27.26 -12.65 -6.17
N VAL B 198 26.25 -12.26 -5.41
CA VAL B 198 24.86 -12.64 -5.72
C VAL B 198 23.95 -11.45 -5.69
N GLY B 199 23.10 -11.30 -6.71
CA GLY B 199 22.14 -10.21 -6.73
C GLY B 199 20.99 -10.39 -7.69
N ALA B 200 20.04 -9.47 -7.60
CA ALA B 200 18.98 -9.34 -8.58
C ALA B 200 18.85 -7.87 -8.83
N THR B 201 19.63 -7.37 -9.79
CA THR B 201 19.65 -5.95 -10.08
C THR B 201 18.55 -5.54 -11.04
N PRO B 202 17.87 -4.45 -10.74
CA PRO B 202 16.79 -4.02 -11.64
C PRO B 202 17.25 -3.27 -12.86
N GLU B 203 18.47 -2.75 -12.86
CA GLU B 203 18.82 -1.78 -13.88
C GLU B 203 20.00 -2.22 -14.75
N ARG B 204 19.83 -2.09 -16.05
CA ARG B 204 20.98 -2.27 -16.91
C ARG B 204 21.89 -1.03 -16.87
N HIS B 205 23.17 -1.26 -17.14
CA HIS B 205 24.15 -0.16 -17.22
C HIS B 205 24.21 0.38 -18.62
N LEU B 206 24.71 -0.45 -19.56
CA LEU B 206 24.79 -0.10 -20.97
C LEU B 206 24.76 -1.33 -21.85
N THR B 207 24.25 -1.15 -23.06
CA THR B 207 23.95 -2.24 -23.94
C THR B 207 24.32 -1.92 -25.37
N LEU B 208 25.07 -2.81 -26.05
CA LEU B 208 25.63 -2.47 -27.35
C LEU B 208 25.37 -3.57 -28.34
N HIS B 209 24.63 -3.24 -29.38
CA HIS B 209 24.27 -4.20 -30.36
C HIS B 209 24.40 -3.45 -31.66
N GLU B 210 25.28 -3.96 -32.53
CA GLU B 210 25.50 -3.42 -33.87
C GLU B 210 25.66 -1.91 -33.90
N GLY B 211 26.59 -1.41 -33.10
CA GLY B 211 26.94 0.02 -33.09
C GLY B 211 26.00 0.90 -32.28
N CYS B 212 24.92 0.31 -31.77
CA CYS B 212 23.87 1.06 -31.18
C CYS B 212 23.86 0.86 -29.64
N ALA B 213 24.09 1.97 -28.92
CA ALA B 213 24.27 1.99 -27.45
C ALA B 213 22.96 2.29 -26.78
N THR B 214 22.70 1.65 -25.63
CA THR B 214 21.47 1.85 -24.87
C THR B 214 21.69 1.96 -23.36
N MET B 215 21.30 3.10 -22.77
CA MET B 215 21.14 3.23 -21.32
C MET B 215 19.64 3.19 -21.00
N ASN B 216 19.30 2.92 -19.75
CA ASN B 216 17.94 2.50 -19.40
C ASN B 216 17.59 2.81 -17.97
N PRO B 217 17.45 4.08 -17.64
CA PRO B 217 17.12 4.41 -16.27
C PRO B 217 15.68 4.08 -15.89
N ILE B 218 15.51 3.62 -14.66
CA ILE B 218 14.21 3.38 -14.02
C ILE B 218 13.73 4.66 -13.33
N SER B 219 12.51 5.07 -13.64
CA SER B 219 11.99 6.35 -13.21
C SER B 219 11.13 6.20 -11.97
N GLY B 220 10.16 5.31 -11.99
CA GLY B 220 9.24 5.14 -10.85
C GLY B 220 8.92 3.67 -10.58
N THR B 221 8.19 3.44 -9.50
CA THR B 221 7.80 2.09 -9.13
C THR B 221 6.42 2.10 -8.49
N TYR B 222 5.54 1.24 -9.02
CA TYR B 222 4.15 1.15 -8.60
C TYR B 222 3.97 -0.23 -8.02
N ARG B 223 3.89 -0.27 -6.69
CA ARG B 223 3.58 -1.45 -5.93
C ARG B 223 2.05 -1.68 -6.00
N TYR B 224 1.65 -2.81 -6.54
CA TYR B 224 0.22 -3.14 -6.69
C TYR B 224 -0.49 -3.41 -5.35
N PRO B 225 -1.75 -2.92 -5.20
CA PRO B 225 -2.51 -3.12 -3.95
C PRO B 225 -2.96 -4.56 -3.76
N GLN B 226 -3.83 -4.76 -2.78
CA GLN B 226 -4.09 -6.07 -2.21
C GLN B 226 -4.65 -7.08 -3.20
N SER B 227 -5.67 -6.68 -3.95
CA SER B 227 -6.33 -7.71 -4.75
C SER B 227 -5.63 -7.86 -6.10
N GLY B 228 -5.33 -6.76 -6.78
CA GLY B 228 -4.72 -6.91 -8.11
C GLY B 228 -4.42 -5.61 -8.81
N PRO B 229 -3.51 -5.66 -9.81
CA PRO B 229 -3.18 -4.47 -10.58
C PRO B 229 -4.28 -4.14 -11.59
N THR B 230 -4.96 -3.03 -11.37
CA THR B 230 -6.06 -2.64 -12.22
C THR B 230 -5.48 -1.71 -13.27
N ILE B 231 -6.23 -1.52 -14.35
CA ILE B 231 -5.99 -0.43 -15.31
C ILE B 231 -6.27 0.96 -14.72
N ASP B 232 -6.97 1.03 -13.60
CA ASP B 232 -7.30 2.32 -12.98
C ASP B 232 -6.26 2.74 -11.92
N GLY B 233 -5.81 1.76 -11.13
CA GLY B 233 -4.73 2.01 -10.16
C GLY B 233 -3.45 2.47 -10.85
N ILE B 234 -3.12 1.83 -11.96
CA ILE B 234 -1.95 2.18 -12.76
C ILE B 234 -2.15 3.55 -13.34
N ASN B 235 -3.37 3.85 -13.79
CA ASN B 235 -3.61 5.16 -14.38
C ASN B 235 -3.62 6.30 -13.35
N ALA B 236 -4.16 6.03 -12.17
CA ALA B 236 -4.09 6.92 -10.99
C ALA B 236 -2.64 7.27 -10.61
N PHE B 237 -1.81 6.23 -10.50
CA PHE B 237 -0.37 6.37 -10.24
C PHE B 237 0.30 7.22 -11.30
N LEU B 238 -0.10 7.05 -12.56
CA LEU B 238 0.47 7.76 -13.72
C LEU B 238 -0.10 9.14 -13.94
N GLY B 239 -1.31 9.37 -13.44
CA GLY B 239 -1.86 10.70 -13.36
C GLY B 239 -0.93 11.57 -12.53
N ASP B 240 -0.95 11.33 -11.22
CA ASP B 240 -0.10 12.09 -10.28
C ASP B 240 1.32 12.38 -10.85
N ARG B 241 1.49 13.50 -11.55
CA ARG B 241 2.81 13.93 -12.03
C ARG B 241 3.46 14.95 -11.07
N LYS B 242 3.17 14.84 -9.76
CA LYS B 242 3.65 15.81 -8.75
C LYS B 242 5.04 15.45 -8.19
N GLU B 243 5.80 14.64 -8.94
CA GLU B 243 7.11 14.15 -8.53
C GLU B 243 8.05 14.12 -9.75
N SER B 244 8.12 15.26 -10.45
CA SER B 244 9.00 15.45 -11.61
C SER B 244 10.52 15.72 -11.28
N ASP B 245 10.84 15.87 -9.99
CA ASP B 245 12.22 16.10 -9.47
C ASP B 245 13.31 15.25 -10.14
N GLU B 246 13.94 14.32 -9.41
CA GLU B 246 15.14 13.60 -9.89
C GLU B 246 15.07 13.21 -11.38
N LEU B 247 13.88 12.80 -11.80
CA LEU B 247 13.67 12.27 -13.12
C LEU B 247 14.38 13.06 -14.20
N TYR B 248 14.23 14.38 -14.20
CA TYR B 248 14.73 15.17 -15.32
C TYR B 248 16.18 15.56 -15.18
N MET B 249 16.65 15.77 -13.96
CA MET B 249 18.10 15.91 -13.75
C MET B 249 18.79 14.62 -14.19
N VAL B 250 18.17 13.49 -13.93
CA VAL B 250 18.78 12.23 -14.28
C VAL B 250 18.81 12.00 -15.79
N LEU B 251 17.72 12.31 -16.48
CA LEU B 251 17.69 12.20 -17.93
C LEU B 251 18.72 13.12 -18.58
N ASP B 252 18.75 14.38 -18.14
CA ASP B 252 19.74 15.35 -18.66
C ASP B 252 21.14 14.77 -18.48
N GLU B 253 21.42 14.28 -17.29
CA GLU B 253 22.73 13.76 -16.99
C GLU B 253 23.04 12.49 -17.82
N GLU B 254 22.02 11.65 -18.02
CA GLU B 254 22.16 10.51 -18.90
C GLU B 254 22.45 10.99 -20.37
N LEU B 255 21.74 12.00 -20.86
CA LEU B 255 21.96 12.51 -22.22
C LEU B 255 23.37 13.10 -22.37
N LYS B 256 23.83 13.78 -21.32
CA LYS B 256 25.21 14.24 -21.25
C LYS B 256 26.18 13.07 -21.45
N MET B 257 25.90 11.95 -20.82
CA MET B 257 26.83 10.85 -20.86
C MET B 257 26.84 10.26 -22.28
N MET B 258 25.64 10.03 -22.82
CA MET B 258 25.48 9.58 -24.18
C MET B 258 26.14 10.49 -25.18
N ALA B 259 26.06 11.80 -24.99
CA ALA B 259 26.61 12.73 -25.96
C ALA B 259 28.13 12.65 -26.07
N ARG B 260 28.79 12.10 -25.06
CA ARG B 260 30.24 11.99 -25.09
C ARG B 260 30.67 10.72 -25.82
N ILE B 261 29.74 9.77 -25.89
CA ILE B 261 29.87 8.40 -26.38
C ILE B 261 29.33 8.26 -27.82
N CYS B 262 28.16 8.85 -28.03
CA CYS B 262 27.53 8.92 -29.35
C CYS B 262 27.64 10.37 -29.80
N PRO B 263 28.58 10.65 -30.72
CA PRO B 263 28.80 12.04 -31.12
C PRO B 263 27.56 12.73 -31.68
N ALA B 264 26.70 12.00 -32.37
CA ALA B 264 25.47 12.56 -32.93
C ALA B 264 24.38 12.86 -31.90
N GLY B 265 24.46 12.31 -30.69
CA GLY B 265 23.47 12.59 -29.64
C GLY B 265 22.73 11.39 -29.12
N GLY B 266 21.87 11.60 -28.13
CA GLY B 266 20.97 10.56 -27.66
C GLY B 266 19.54 10.87 -28.06
N GLN B 267 18.72 9.82 -28.00
CA GLN B 267 17.29 9.93 -28.22
C GLN B 267 16.57 9.11 -27.15
N VAL B 268 15.65 9.77 -26.45
CA VAL B 268 14.93 9.18 -25.33
C VAL B 268 13.67 8.59 -25.91
N THR B 269 13.25 7.47 -25.34
CA THR B 269 11.98 6.89 -25.71
C THR B 269 11.46 6.54 -24.34
N GLY B 270 10.24 6.97 -24.05
CA GLY B 270 9.91 7.33 -22.67
C GLY B 270 8.49 7.21 -22.21
N PRO B 271 8.35 7.23 -20.91
CA PRO B 271 7.69 6.25 -20.08
C PRO B 271 7.30 4.96 -20.82
N HIS B 272 8.09 3.90 -20.62
CA HIS B 272 7.65 2.56 -20.96
C HIS B 272 7.39 1.83 -19.65
N LEU B 273 6.39 0.95 -19.67
CA LEU B 273 5.96 0.27 -18.46
C LEU B 273 6.65 -1.07 -18.41
N ARG B 274 7.24 -1.41 -17.27
CA ARG B 274 7.87 -2.71 -17.08
C ARG B 274 7.10 -3.40 -15.98
N GLU B 275 6.44 -4.49 -16.36
CA GLU B 275 5.49 -5.15 -15.49
C GLU B 275 6.11 -6.39 -14.85
N MET B 276 5.81 -6.60 -13.57
CA MET B 276 6.28 -7.74 -12.82
C MET B 276 5.14 -8.30 -11.95
N ALA B 277 5.37 -9.43 -11.28
CA ALA B 277 4.34 -10.06 -10.45
C ALA B 277 3.73 -9.13 -9.41
N ARG B 278 4.56 -8.31 -8.73
CA ARG B 278 4.08 -7.46 -7.63
C ARG B 278 4.18 -5.98 -7.88
N LEU B 279 5.17 -5.53 -8.67
CA LEU B 279 5.45 -4.11 -8.83
C LEU B 279 5.60 -3.78 -10.30
N ALA B 280 5.18 -2.58 -10.70
CA ALA B 280 5.39 -2.11 -12.06
C ALA B 280 6.41 -1.00 -11.97
N HIS B 281 7.41 -1.00 -12.87
CA HIS B 281 8.37 0.10 -12.97
C HIS B 281 7.93 1.01 -14.11
N THR B 282 8.42 2.23 -14.07
CA THR B 282 8.44 3.11 -15.22
C THR B 282 9.91 3.17 -15.71
N GLU B 283 10.10 3.16 -17.03
CA GLU B 283 11.42 3.13 -17.63
C GLU B 283 11.52 4.09 -18.73
N TYR B 284 12.73 4.58 -18.93
CA TYR B 284 13.09 5.25 -20.15
C TYR B 284 14.26 4.52 -20.78
N PHE B 285 14.30 4.55 -22.11
CA PHE B 285 15.49 4.12 -22.84
C PHE B 285 16.13 5.34 -23.47
N ILE B 286 17.46 5.28 -23.57
CA ILE B 286 18.22 6.33 -24.24
C ILE B 286 19.17 5.61 -25.19
N VAL B 287 19.03 5.92 -26.48
CA VAL B 287 19.74 5.17 -27.52
C VAL B 287 20.48 6.06 -28.51
N GLY B 288 21.63 5.59 -28.97
CA GLY B 288 22.50 6.35 -29.86
C GLY B 288 23.50 5.44 -30.55
N HIS B 289 24.11 5.94 -31.62
CA HIS B 289 25.13 5.23 -32.34
C HIS B 289 26.56 5.65 -31.91
N THR B 290 27.40 4.65 -31.66
CA THR B 290 28.79 4.88 -31.30
C THR B 290 29.66 3.95 -32.12
N GLU B 291 30.95 4.27 -32.21
CA GLU B 291 31.93 3.40 -32.83
C GLU B 291 33.08 3.12 -31.85
N ALA B 292 32.97 3.55 -30.61
CA ALA B 292 34.11 3.53 -29.71
C ALA B 292 34.36 2.11 -29.22
N ASP B 293 35.60 1.82 -28.87
CA ASP B 293 35.92 0.54 -28.27
C ASP B 293 35.13 0.32 -26.98
N VAL B 294 34.81 -0.93 -26.67
CA VAL B 294 34.08 -1.25 -25.45
C VAL B 294 34.82 -0.79 -24.24
N ARG B 295 36.13 -0.85 -24.33
CA ARG B 295 36.94 -0.47 -23.20
C ARG B 295 36.75 1.01 -22.94
N ASP B 296 36.62 1.79 -24.00
CA ASP B 296 36.42 3.22 -23.84
C ASP B 296 35.00 3.49 -23.45
N LEU B 297 34.07 2.66 -23.93
CA LEU B 297 32.66 2.84 -23.58
C LEU B 297 32.46 2.67 -22.09
N LEU B 298 33.02 1.61 -21.53
CA LEU B 298 32.91 1.45 -20.11
C LEU B 298 33.59 2.63 -19.41
N ARG B 299 34.86 2.88 -19.69
CA ARG B 299 35.56 3.93 -18.96
C ARG B 299 34.79 5.22 -18.96
N GLU B 300 34.25 5.63 -20.09
CA GLU B 300 33.58 6.93 -20.16
C GLU B 300 32.17 6.93 -19.62
N THR B 301 31.64 5.74 -19.37
CA THR B 301 30.28 5.56 -18.94
C THR B 301 30.29 5.24 -17.45
N MET B 302 31.40 5.56 -16.77
CA MET B 302 31.61 5.11 -15.40
C MET B 302 30.77 5.93 -14.49
N PHE B 303 29.58 5.36 -14.43
CA PHE B 303 28.72 5.05 -13.32
C PHE B 303 27.52 5.86 -13.55
N ALA B 304 26.44 5.13 -13.78
CA ALA B 304 25.16 5.69 -14.15
C ALA B 304 24.78 6.76 -13.13
N PRO B 305 24.22 7.86 -13.60
CA PRO B 305 23.79 8.95 -12.73
C PRO B 305 22.85 8.49 -11.66
N THR B 306 22.09 7.43 -11.94
CA THR B 306 21.13 6.96 -10.98
C THR B 306 21.78 6.25 -9.79
N VAL B 307 23.09 6.05 -9.84
CA VAL B 307 23.78 5.43 -8.70
C VAL B 307 24.94 6.32 -8.23
N THR B 308 25.07 7.52 -8.79
CA THR B 308 26.09 8.47 -8.36
C THR B 308 25.45 9.83 -8.05
N GLY B 309 25.07 10.55 -9.08
CA GLY B 309 24.47 11.85 -8.90
C GLY B 309 24.60 12.66 -10.13
N SER B 310 24.19 13.91 -10.07
CA SER B 310 24.21 14.76 -11.22
C SER B 310 24.50 16.18 -10.78
N PRO B 311 25.59 16.77 -11.27
CA PRO B 311 26.57 16.26 -12.21
C PRO B 311 27.49 15.16 -11.66
N ILE B 312 27.97 14.32 -12.56
CA ILE B 312 28.68 13.10 -12.19
C ILE B 312 29.94 13.38 -11.37
N GLU B 313 30.77 14.28 -11.87
CA GLU B 313 32.02 14.69 -11.20
C GLU B 313 31.79 15.17 -9.79
N SER B 314 30.79 16.04 -9.64
CA SER B 314 30.53 16.66 -8.37
C SER B 314 29.93 15.60 -7.47
N ALA B 315 29.03 14.79 -8.01
CA ALA B 315 28.51 13.67 -7.23
C ALA B 315 29.69 12.88 -6.66
N THR B 316 30.65 12.54 -7.50
CA THR B 316 31.88 11.91 -7.07
C THR B 316 32.52 12.67 -5.91
N ARG B 317 32.64 13.97 -6.04
CA ARG B 317 33.25 14.78 -5.01
C ARG B 317 32.51 14.74 -3.67
N VAL B 318 31.17 14.85 -3.72
CA VAL B 318 30.38 14.78 -2.48
C VAL B 318 30.36 13.35 -1.90
N ILE B 319 30.35 12.31 -2.74
CA ILE B 319 30.43 10.94 -2.22
C ILE B 319 31.75 10.74 -1.45
N ALA B 320 32.86 11.23 -2.00
CA ALA B 320 34.15 11.24 -1.28
C ALA B 320 34.18 12.11 0.00
N ARG B 321 33.53 13.29 -0.03
CA ARG B 321 33.52 14.26 1.09
C ARG B 321 32.29 14.08 2.01
N HIS B 322 31.87 12.84 2.21
CA HIS B 322 30.79 12.55 3.18
C HIS B 322 30.63 11.07 3.52
N GLU B 323 31.20 10.16 2.72
CA GLU B 323 31.21 8.73 3.08
C GLU B 323 32.55 8.38 3.75
N ARG B 324 32.48 7.63 4.84
CA ARG B 324 33.70 7.26 5.54
C ARG B 324 34.39 6.09 4.83
N ALA B 325 33.62 5.31 4.07
CA ALA B 325 34.16 4.10 3.42
C ALA B 325 34.29 4.18 1.91
N GLY B 326 34.90 3.12 1.36
CA GLY B 326 34.80 2.82 -0.07
C GLY B 326 33.52 2.07 -0.38
N ARG B 327 33.26 1.88 -1.67
CA ARG B 327 32.03 1.21 -2.14
C ARG B 327 32.25 -0.21 -2.65
N GLY B 328 33.47 -0.72 -2.60
CA GLY B 328 33.72 -2.00 -3.23
C GLY B 328 33.18 -2.01 -4.65
N TYR B 329 32.25 -2.91 -4.95
CA TYR B 329 31.68 -2.99 -6.29
C TYR B 329 30.24 -2.44 -6.37
N TYR B 330 29.77 -1.79 -5.30
CA TYR B 330 28.41 -1.17 -5.27
C TYR B 330 28.33 0.04 -6.23
N SER B 331 27.32 0.06 -7.10
CA SER B 331 27.22 1.09 -8.15
C SER B 331 28.16 0.87 -9.33
N GLY B 332 28.97 -0.18 -9.25
CA GLY B 332 29.79 -0.59 -10.38
C GLY B 332 29.03 -1.38 -11.43
N ILE B 333 29.79 -2.07 -12.26
CA ILE B 333 29.24 -2.68 -13.47
C ILE B 333 29.68 -4.13 -13.54
N ALA B 334 28.72 -5.00 -13.82
CA ALA B 334 28.99 -6.36 -14.29
C ALA B 334 28.79 -6.28 -15.78
N ALA B 335 29.81 -6.65 -16.56
CA ALA B 335 29.80 -6.49 -18.01
C ALA B 335 30.09 -7.79 -18.74
N LEU B 336 29.22 -8.10 -19.69
CA LEU B 336 29.33 -9.31 -20.49
C LEU B 336 29.76 -8.86 -21.88
N ILE B 337 31.03 -9.02 -22.19
CA ILE B 337 31.56 -8.54 -23.47
C ILE B 337 31.69 -9.69 -24.44
N GLY B 338 31.23 -9.48 -25.68
CA GLY B 338 31.27 -10.54 -26.68
C GLY B 338 31.16 -10.07 -28.12
N ARG B 339 30.86 -11.01 -28.99
CA ARG B 339 30.72 -10.75 -30.42
C ARG B 339 29.54 -11.46 -31.03
N ASP B 340 28.80 -10.75 -31.90
CA ASP B 340 27.73 -11.42 -32.64
C ASP B 340 28.28 -12.42 -33.70
N ALA B 341 27.40 -13.09 -34.42
CA ALA B 341 27.84 -14.19 -35.29
C ALA B 341 28.63 -13.64 -36.48
N ARG B 342 28.33 -12.39 -36.84
CA ARG B 342 29.03 -11.63 -37.87
C ARG B 342 30.28 -10.89 -37.33
N GLY B 343 30.68 -11.14 -36.10
CA GLY B 343 31.92 -10.55 -35.59
C GLY B 343 31.79 -9.15 -35.02
N GLY B 344 30.63 -8.53 -35.18
CA GLY B 344 30.38 -7.22 -34.59
C GLY B 344 30.44 -7.30 -33.07
N ARG B 345 30.77 -6.18 -32.46
CA ARG B 345 30.95 -6.17 -31.02
C ARG B 345 29.60 -6.12 -30.31
N THR B 346 29.58 -6.75 -29.14
CA THR B 346 28.42 -6.86 -28.29
C THR B 346 28.78 -6.55 -26.86
N LEU B 347 27.87 -5.88 -26.15
CA LEU B 347 28.00 -5.62 -24.72
C LEU B 347 26.63 -5.73 -24.08
N ASP B 348 26.51 -6.51 -23.01
CA ASP B 348 25.34 -6.43 -22.14
C ASP B 348 25.94 -6.22 -20.79
N SER B 349 25.38 -5.29 -20.03
CA SER B 349 25.97 -4.90 -18.77
C SER B 349 24.92 -4.43 -17.76
N ALA B 350 25.12 -4.74 -16.47
CA ALA B 350 24.11 -4.49 -15.45
C ALA B 350 24.74 -3.68 -14.31
N ILE B 351 23.98 -2.77 -13.67
CA ILE B 351 24.54 -1.98 -12.56
C ILE B 351 24.55 -2.86 -11.32
N LEU B 352 25.66 -2.84 -10.59
CA LEU B 352 25.79 -3.64 -9.38
C LEU B 352 25.17 -2.96 -8.14
N ILE B 353 23.84 -3.04 -8.07
CA ILE B 353 23.08 -2.74 -6.85
C ILE B 353 22.11 -3.91 -6.55
N ARG B 354 21.53 -3.94 -5.34
CA ARG B 354 20.74 -5.08 -4.83
C ARG B 354 21.57 -6.34 -4.98
N THR B 355 22.79 -6.32 -4.42
CA THR B 355 23.81 -7.35 -4.66
C THR B 355 24.72 -7.57 -3.47
N ALA B 356 24.96 -8.83 -3.13
CA ALA B 356 25.85 -9.19 -2.02
C ALA B 356 27.22 -9.56 -2.55
N GLU B 357 28.27 -9.01 -1.93
CA GLU B 357 29.65 -9.41 -2.23
C GLU B 357 30.11 -10.25 -1.03
N ILE B 358 30.50 -11.50 -1.29
CA ILE B 358 30.79 -12.48 -0.24
C ILE B 358 32.27 -12.91 -0.30
N ASP B 359 32.78 -13.36 0.84
CA ASP B 359 34.13 -13.92 0.94
C ASP B 359 34.15 -15.48 1.01
N ARG B 360 35.34 -16.09 0.86
CA ARG B 360 35.57 -17.46 1.38
C ARG B 360 35.47 -17.40 2.91
N ALA B 361 36.16 -16.42 3.51
CA ALA B 361 36.06 -16.02 4.95
C ALA B 361 34.64 -15.98 5.55
N GLY B 362 33.66 -15.79 4.68
CA GLY B 362 32.26 -15.96 5.01
C GLY B 362 31.49 -14.68 5.26
N HIS B 363 32.12 -13.54 4.98
CA HIS B 363 31.54 -12.26 5.35
C HIS B 363 30.77 -11.60 4.19
N VAL B 364 29.47 -11.41 4.37
CA VAL B 364 28.61 -10.82 3.32
C VAL B 364 28.46 -9.30 3.49
N ARG B 365 28.54 -8.55 2.40
CA ARG B 365 28.31 -7.10 2.39
C ARG B 365 27.29 -6.74 1.31
N ILE B 366 26.32 -5.90 1.68
CA ILE B 366 25.33 -5.38 0.74
C ILE B 366 25.28 -3.89 0.88
N GLY B 367 25.63 -3.21 -0.22
CA GLY B 367 25.47 -1.77 -0.32
C GLY B 367 24.03 -1.41 -0.62
N VAL B 368 23.51 -0.48 0.16
CA VAL B 368 22.21 0.15 -0.08
C VAL B 368 22.34 1.66 -0.12
N GLY B 369 21.78 2.24 -1.17
CA GLY B 369 21.81 3.67 -1.35
C GLY B 369 20.45 4.32 -1.31
N SER B 370 20.48 5.64 -1.08
CA SER B 370 19.27 6.46 -1.05
C SER B 370 19.59 7.59 -2.03
N THR B 371 18.61 7.98 -2.85
CA THR B 371 18.81 9.08 -3.82
C THR B 371 18.19 10.39 -3.27
N LEU B 372 19.06 11.37 -3.02
CA LEU B 372 18.73 12.57 -2.28
C LEU B 372 18.49 13.78 -3.19
N VAL B 373 17.33 14.39 -3.09
CA VAL B 373 17.01 15.65 -3.79
C VAL B 373 16.80 16.70 -2.71
N ARG B 374 16.62 17.98 -3.05
CA ARG B 374 16.45 18.97 -1.97
C ARG B 374 15.19 18.73 -1.13
N HIS B 375 14.11 18.31 -1.79
CA HIS B 375 12.83 18.06 -1.11
C HIS B 375 12.80 16.79 -0.26
N SER B 376 13.87 15.97 -0.29
CA SER B 376 13.93 14.72 0.51
C SER B 376 14.41 14.95 1.95
N ASP B 377 13.74 14.38 2.96
CA ASP B 377 14.17 14.52 4.39
C ASP B 377 14.66 13.16 4.97
N ALA B 378 15.69 13.24 5.82
CA ALA B 378 16.58 12.11 6.15
C ALA B 378 15.93 10.85 6.79
N VAL B 379 15.04 11.02 7.75
CA VAL B 379 14.34 9.87 8.36
C VAL B 379 13.51 9.12 7.31
N SER B 380 12.72 9.86 6.53
CA SER B 380 11.83 9.23 5.55
C SER B 380 12.61 8.29 4.64
N GLU B 381 13.78 8.73 4.17
CA GLU B 381 14.61 7.91 3.27
C GLU B 381 15.36 6.81 4.03
N VAL B 382 15.75 7.04 5.29
CA VAL B 382 16.39 6.00 6.10
C VAL B 382 15.42 4.81 6.34
N MET B 383 14.12 5.10 6.48
CA MET B 383 13.07 4.07 6.51
C MET B 383 12.94 3.32 5.16
N GLU B 384 13.55 3.86 4.10
CA GLU B 384 13.73 3.11 2.84
C GLU B 384 15.05 2.30 2.78
N THR B 385 16.00 2.59 3.68
CA THR B 385 17.28 1.82 3.76
C THR B 385 16.99 0.35 4.05
N HIS B 386 16.10 0.09 5.00
CA HIS B 386 15.64 -1.26 5.36
C HIS B 386 14.59 -1.79 4.36
N ALA B 387 13.79 -0.89 3.80
CA ALA B 387 12.68 -1.26 2.90
C ALA B 387 13.16 -1.76 1.52
N LYS B 388 13.96 -0.96 0.82
CA LYS B 388 14.56 -1.41 -0.46
C LYS B 388 15.39 -2.70 -0.27
N VAL B 389 15.95 -2.89 0.92
CA VAL B 389 16.74 -4.10 1.25
C VAL B 389 15.89 -5.39 1.35
N ALA B 390 14.57 -5.29 1.17
CA ALA B 390 13.69 -6.45 1.34
C ALA B 390 14.01 -7.58 0.33
N ALA B 391 14.35 -7.22 -0.91
CA ALA B 391 14.66 -8.21 -1.93
C ALA B 391 15.75 -9.18 -1.45
N LEU B 392 16.91 -8.63 -1.12
CA LEU B 392 18.02 -9.45 -0.60
C LEU B 392 17.75 -9.99 0.80
N SER B 393 17.23 -9.14 1.70
CA SER B 393 16.99 -9.52 3.10
C SER B 393 16.19 -10.80 3.20
N ASN B 394 15.12 -10.91 2.41
CA ASN B 394 14.33 -12.14 2.34
C ASN B 394 15.04 -13.34 1.67
N ALA B 395 16.37 -13.24 1.50
CA ALA B 395 17.25 -14.31 0.96
C ALA B 395 18.43 -14.75 1.85
N PHE B 396 18.65 -14.05 2.97
CA PHE B 396 19.55 -14.50 4.06
C PHE B 396 18.78 -15.09 5.29
N ASP B 397 17.51 -15.44 5.09
CA ASP B 397 16.65 -16.05 6.12
C ASP B 397 15.23 -15.67 5.76
N PRO B 398 14.51 -16.51 4.95
CA PRO B 398 13.25 -16.05 4.30
C PRO B 398 12.20 -15.30 5.19
N PRO B 399 11.25 -14.58 4.55
CA PRO B 399 10.36 -13.66 5.27
C PRO B 399 9.23 -14.26 6.15
N GLU B 400 8.94 -15.57 6.03
CA GLU B 400 7.87 -16.19 6.83
C GLU B 400 8.29 -16.89 8.16
N ALA B 401 9.59 -17.20 8.34
CA ALA B 401 10.11 -17.85 9.57
C ALA B 401 10.46 -16.82 10.65
N GLY B 402 9.48 -16.49 11.49
CA GLY B 402 9.56 -15.35 12.42
C GLY B 402 8.18 -14.74 12.59
N PRO B 403 7.84 -14.22 13.80
CA PRO B 403 6.50 -13.60 14.02
C PRO B 403 6.16 -12.41 13.09
N ALA B 404 4.91 -12.38 12.61
CA ALA B 404 4.34 -11.26 11.87
C ALA B 404 4.49 -9.89 12.58
N LEU B 405 4.40 -8.80 11.82
CA LEU B 405 4.58 -7.50 12.40
C LEU B 405 3.48 -7.12 13.41
N GLY B 406 2.35 -7.76 13.29
CA GLY B 406 1.34 -7.78 14.34
C GLY B 406 1.81 -8.23 15.73
N GLN B 407 3.01 -8.78 15.85
CA GLN B 407 3.53 -9.19 17.16
C GLN B 407 4.72 -8.38 17.63
N HIS B 408 5.12 -7.36 16.86
CA HIS B 408 6.08 -6.40 17.37
C HIS B 408 5.43 -5.64 18.55
N PRO B 409 6.08 -5.63 19.73
CA PRO B 409 5.57 -5.02 20.98
C PRO B 409 4.94 -3.62 20.84
N SER B 410 5.42 -2.81 19.90
CA SER B 410 4.79 -1.52 19.55
C SER B 410 3.41 -1.69 18.94
N VAL B 411 3.30 -2.53 17.92
CA VAL B 411 2.00 -2.80 17.31
C VAL B 411 1.04 -3.34 18.37
N GLN B 412 1.51 -4.28 19.18
CA GLN B 412 0.72 -4.75 20.29
C GLN B 412 0.26 -3.63 21.22
N ALA B 413 1.18 -2.77 21.62
CA ALA B 413 0.85 -1.58 22.44
C ALA B 413 -0.24 -0.72 21.79
N ALA B 414 -0.04 -0.30 20.55
CA ALA B 414 -1.02 0.53 19.86
C ALA B 414 -2.40 -0.10 19.81
N LEU B 415 -2.46 -1.40 19.60
CA LEU B 415 -3.74 -2.11 19.57
C LEU B 415 -4.39 -1.96 20.95
N ARG B 416 -3.65 -2.31 21.99
CA ARG B 416 -4.12 -2.16 23.37
C ARG B 416 -4.57 -0.73 23.75
N GLU B 417 -3.98 0.28 23.15
CA GLU B 417 -4.33 1.64 23.49
C GLU B 417 -5.77 1.90 23.06
N ARG B 418 -6.20 1.23 21.99
CA ARG B 418 -7.55 1.39 21.48
C ARG B 418 -8.60 1.08 22.55
N ASN B 419 -8.30 0.24 23.54
CA ASN B 419 -9.30 -0.15 24.54
C ASN B 419 -9.35 0.78 25.75
N GLU B 420 -8.66 1.90 25.60
CA GLU B 420 -8.45 2.75 26.71
C GLU B 420 -9.71 3.54 27.06
N GLY B 421 -10.40 4.07 26.07
CA GLY B 421 -11.56 4.85 26.39
C GLY B 421 -12.79 4.09 26.82
N ILE B 422 -12.84 2.79 26.57
CA ILE B 422 -14.08 2.07 26.55
C ILE B 422 -14.26 1.17 27.79
N ALA B 423 -15.36 0.40 27.85
CA ALA B 423 -15.78 -0.36 29.03
C ALA B 423 -14.77 -1.40 29.34
N ASP B 424 -14.44 -1.64 30.59
CA ASP B 424 -13.53 -2.75 30.71
C ASP B 424 -14.16 -4.04 31.24
N PHE B 425 -15.41 -3.97 31.64
CA PHE B 425 -16.15 -5.15 32.04
C PHE B 425 -16.21 -6.17 30.96
N TRP B 426 -16.49 -5.74 29.74
CA TRP B 426 -16.70 -6.71 28.67
C TRP B 426 -15.41 -7.34 28.19
N PHE B 427 -14.27 -6.87 28.67
CA PHE B 427 -12.98 -7.40 28.28
C PHE B 427 -12.46 -8.31 29.32
N ARG B 428 -13.20 -8.36 30.43
CA ARG B 428 -12.84 -9.15 31.58
C ARG B 428 -13.47 -10.55 31.42
N PRO B 429 -12.78 -11.59 31.92
CA PRO B 429 -13.39 -12.94 31.81
C PRO B 429 -14.41 -13.16 32.92
N TYR B 430 -15.32 -14.12 32.73
CA TYR B 430 -16.26 -14.49 33.80
C TYR B 430 -15.46 -15.08 34.96
N GLY B 431 -15.59 -14.42 36.10
CA GLY B 431 -14.53 -14.33 37.09
C GLY B 431 -14.12 -12.87 37.19
N GLY B 432 -14.97 -11.96 36.69
CA GLY B 432 -14.89 -10.54 36.98
C GLY B 432 -16.13 -10.18 37.77
N ARG B 433 -16.28 -10.82 38.93
CA ARG B 433 -17.33 -10.52 39.91
C ARG B 433 -16.65 -9.89 41.13
N GLN B 434 -17.10 -8.70 41.52
CA GLN B 434 -16.52 -7.91 42.63
C GLN B 434 -15.16 -7.35 42.23
N ALA B 442 -19.94 -4.37 48.27
CA ALA B 442 -20.93 -3.38 48.64
C ALA B 442 -22.06 -4.08 49.43
N GLU B 443 -23.04 -3.27 49.82
CA GLU B 443 -24.22 -3.75 50.54
C GLU B 443 -25.15 -4.51 49.58
N LEU B 444 -24.97 -4.31 48.28
CA LEU B 444 -25.78 -4.96 47.24
C LEU B 444 -25.63 -6.49 47.23
N SER B 445 -24.45 -7.00 47.55
CA SER B 445 -24.23 -8.47 47.56
C SER B 445 -25.20 -9.27 48.47
N GLY B 446 -26.02 -10.14 47.87
CA GLY B 446 -27.09 -10.82 48.60
C GLY B 446 -28.50 -10.37 48.22
N CYS B 447 -28.64 -9.22 47.58
CA CYS B 447 -29.93 -8.65 47.23
C CYS B 447 -30.48 -9.11 45.87
N ARG B 448 -31.77 -8.87 45.66
CA ARG B 448 -32.49 -9.45 44.54
C ARG B 448 -33.19 -8.36 43.77
N ALA B 449 -33.11 -8.44 42.44
CA ALA B 449 -33.57 -7.39 41.52
C ALA B 449 -34.46 -7.94 40.41
N LEU B 450 -35.53 -7.20 40.09
CA LEU B 450 -36.34 -7.53 38.96
C LEU B 450 -35.97 -6.64 37.81
N ILE B 451 -35.80 -7.19 36.60
CA ILE B 451 -35.71 -6.36 35.39
C ILE B 451 -36.94 -6.59 34.50
N VAL B 452 -37.65 -5.49 34.23
CA VAL B 452 -38.81 -5.50 33.34
C VAL B 452 -38.28 -5.17 31.95
N ASP B 453 -38.41 -6.11 31.03
CA ASP B 453 -37.82 -6.01 29.73
C ASP B 453 -38.78 -5.39 28.71
N ALA B 454 -38.44 -4.22 28.22
CA ALA B 454 -39.30 -3.53 27.26
C ALA B 454 -38.94 -3.90 25.83
N GLU B 455 -38.29 -5.06 25.66
CA GLU B 455 -37.95 -5.62 24.33
C GLU B 455 -36.69 -5.05 23.70
N ASP B 456 -35.65 -4.88 24.50
CA ASP B 456 -34.33 -4.48 24.00
C ASP B 456 -33.36 -5.54 24.36
N HIS B 457 -32.63 -6.00 23.39
CA HIS B 457 -31.56 -6.93 23.66
C HIS B 457 -30.48 -6.44 24.66
N PHE B 458 -30.40 -5.15 24.96
CA PHE B 458 -29.47 -4.72 26.01
C PHE B 458 -29.80 -5.29 27.39
N THR B 459 -31.06 -5.62 27.64
CA THR B 459 -31.40 -6.13 28.97
C THR B 459 -30.51 -7.33 29.45
N ALA B 460 -30.27 -8.36 28.63
CA ALA B 460 -29.37 -9.39 29.14
C ALA B 460 -28.04 -8.76 29.66
N MET B 461 -27.59 -7.72 28.96
CA MET B 461 -26.34 -7.05 29.32
C MET B 461 -26.47 -6.32 30.62
N ILE B 462 -27.53 -5.58 30.82
CA ILE B 462 -27.71 -4.94 32.12
C ILE B 462 -27.71 -6.04 33.17
N ALA B 463 -28.34 -7.17 32.87
CA ALA B 463 -28.54 -8.19 33.85
C ALA B 463 -27.19 -8.76 34.28
N GLN B 464 -26.29 -8.91 33.31
CA GLN B 464 -24.99 -9.51 33.56
C GLN B 464 -24.23 -8.55 34.44
N GLN B 465 -24.51 -7.26 34.31
CA GLN B 465 -23.75 -6.34 35.10
C GLN B 465 -24.28 -6.26 36.51
N LEU B 466 -25.62 -6.24 36.65
CA LEU B 466 -26.18 -6.21 37.99
C LEU B 466 -25.76 -7.49 38.73
N SER B 467 -25.78 -8.60 38.02
CA SER B 467 -25.28 -9.84 38.61
C SER B 467 -23.88 -9.72 39.15
N SER B 468 -23.01 -9.01 38.47
CA SER B 468 -21.59 -8.99 38.89
C SER B 468 -21.40 -8.16 40.13
N LEU B 469 -22.32 -7.22 40.40
CA LEU B 469 -22.32 -6.46 41.63
C LEU B 469 -22.79 -7.32 42.77
N GLY B 470 -23.24 -8.55 42.50
CA GLY B 470 -23.77 -9.42 43.53
C GLY B 470 -25.29 -9.51 43.62
N LEU B 471 -26.03 -8.80 42.75
CA LEU B 471 -27.49 -8.94 42.73
C LEU B 471 -27.90 -10.23 42.01
N ALA B 472 -28.80 -11.00 42.59
CA ALA B 472 -29.49 -12.05 41.84
C ALA B 472 -30.58 -11.34 41.02
N THR B 473 -30.55 -11.53 39.71
CA THR B 473 -31.27 -10.67 38.78
C THR B 473 -32.21 -11.41 37.85
N GLU B 474 -33.49 -11.41 38.18
CA GLU B 474 -34.52 -12.07 37.37
C GLU B 474 -35.07 -11.12 36.37
N VAL B 475 -35.52 -11.64 35.24
CA VAL B 475 -36.16 -10.80 34.21
C VAL B 475 -37.60 -11.26 33.92
N CYS B 476 -38.57 -10.33 33.98
CA CYS B 476 -39.92 -10.55 33.46
C CYS B 476 -40.16 -9.65 32.25
N GLY B 477 -41.33 -9.80 31.65
CA GLY B 477 -41.76 -8.90 30.57
C GLY B 477 -42.80 -7.91 31.05
N VAL B 478 -43.10 -6.93 30.23
CA VAL B 478 -44.03 -5.88 30.65
C VAL B 478 -45.38 -6.36 31.11
N HIS B 479 -45.92 -7.41 30.49
CA HIS B 479 -47.29 -7.86 30.85
C HIS B 479 -47.37 -8.96 31.92
N ASP B 480 -46.28 -9.27 32.61
CA ASP B 480 -46.27 -10.38 33.56
C ASP B 480 -46.74 -10.00 34.97
N ALA B 481 -47.29 -10.99 35.66
CA ALA B 481 -47.82 -10.82 37.00
C ALA B 481 -46.71 -11.21 37.95
N VAL B 482 -46.24 -10.28 38.78
CA VAL B 482 -45.12 -10.58 39.67
C VAL B 482 -45.40 -10.10 41.07
N ASP B 483 -44.80 -10.77 42.06
CA ASP B 483 -44.87 -10.29 43.43
C ASP B 483 -43.70 -9.39 43.80
N LEU B 484 -43.88 -8.09 43.66
CA LEU B 484 -42.81 -7.15 44.01
C LEU B 484 -42.12 -7.37 45.38
N ALA B 485 -42.83 -7.98 46.35
CA ALA B 485 -42.31 -8.12 47.71
C ALA B 485 -41.07 -9.00 47.73
N ARG B 486 -40.96 -9.90 46.77
CA ARG B 486 -39.77 -10.72 46.56
C ARG B 486 -38.46 -9.95 46.29
N TYR B 487 -38.54 -8.72 45.73
CA TYR B 487 -37.36 -8.00 45.23
C TYR B 487 -36.97 -6.76 46.04
N ASP B 488 -35.68 -6.50 46.11
CA ASP B 488 -35.17 -5.31 46.77
C ASP B 488 -35.26 -4.10 45.81
N VAL B 489 -35.06 -4.30 44.50
CA VAL B 489 -35.23 -3.20 43.52
C VAL B 489 -35.96 -3.68 42.28
N VAL B 490 -36.68 -2.79 41.63
CA VAL B 490 -37.16 -3.08 40.30
C VAL B 490 -36.44 -2.18 39.29
N VAL B 491 -36.05 -2.75 38.15
CA VAL B 491 -35.38 -2.02 37.13
C VAL B 491 -36.30 -1.98 35.90
N MET B 492 -36.65 -0.79 35.49
CA MET B 492 -37.49 -0.63 34.32
C MET B 492 -36.57 -0.34 33.18
N GLY B 493 -36.67 -1.18 32.16
CA GLY B 493 -35.66 -1.31 31.16
C GLY B 493 -35.85 -0.58 29.85
N PRO B 494 -34.86 -0.76 28.95
CA PRO B 494 -34.85 -0.13 27.65
C PRO B 494 -35.75 -0.83 26.68
N GLY B 495 -36.10 -0.11 25.62
CA GLY B 495 -36.86 -0.68 24.54
C GLY B 495 -37.21 0.36 23.51
N PRO B 496 -37.67 -0.08 22.34
CA PRO B 496 -37.90 0.78 21.20
C PRO B 496 -39.16 1.66 21.33
N GLY B 497 -39.32 2.65 20.47
CA GLY B 497 -40.54 3.41 20.42
C GLY B 497 -40.44 4.78 21.02
N ASP B 498 -41.49 5.56 20.81
CA ASP B 498 -41.58 6.91 21.26
C ASP B 498 -42.25 6.94 22.62
N PRO B 499 -41.59 7.54 23.63
CA PRO B 499 -42.16 7.48 24.95
C PRO B 499 -43.43 8.31 25.14
N SER B 500 -43.76 9.13 24.16
CA SER B 500 -44.97 9.92 24.27
C SER B 500 -46.15 9.15 23.75
N ASP B 501 -45.89 7.99 23.15
CA ASP B 501 -46.88 7.22 22.41
C ASP B 501 -47.64 6.26 23.30
N ALA B 502 -48.64 6.78 24.01
CA ALA B 502 -49.58 5.96 24.78
C ALA B 502 -50.36 4.90 23.93
N GLY B 503 -50.47 5.14 22.61
CA GLY B 503 -51.12 4.24 21.64
C GLY B 503 -50.52 2.84 21.54
N ASP B 504 -49.26 2.70 21.89
CA ASP B 504 -48.58 1.40 21.96
C ASP B 504 -48.81 0.78 23.36
N PRO B 505 -49.42 -0.39 23.41
CA PRO B 505 -49.83 -0.91 24.71
C PRO B 505 -48.63 -1.25 25.58
N ARG B 506 -47.53 -1.61 24.94
CA ARG B 506 -46.28 -1.83 25.64
C ARG B 506 -45.86 -0.58 26.44
N ILE B 507 -45.94 0.58 25.79
CA ILE B 507 -45.60 1.83 26.41
C ILE B 507 -46.61 2.20 27.49
N ALA B 508 -47.87 1.90 27.22
CA ALA B 508 -48.87 2.26 28.20
C ALA B 508 -48.59 1.47 29.50
N ARG B 509 -48.26 0.20 29.37
CA ARG B 509 -48.04 -0.69 30.53
C ARG B 509 -46.81 -0.20 31.32
N LEU B 510 -45.82 0.38 30.63
CA LEU B 510 -44.66 0.94 31.32
C LEU B 510 -45.06 2.16 32.18
N TYR B 511 -46.01 2.95 31.70
CA TYR B 511 -46.53 4.05 32.49
C TYR B 511 -47.15 3.49 33.77
N ALA B 512 -47.93 2.43 33.62
CA ALA B 512 -48.61 1.83 34.75
C ALA B 512 -47.63 1.31 35.79
N TRP B 513 -46.63 0.58 35.31
CA TRP B 513 -45.55 0.09 36.14
C TRP B 513 -44.98 1.28 36.93
N LEU B 514 -44.61 2.33 36.20
CA LEU B 514 -43.87 3.39 36.84
C LEU B 514 -44.76 4.18 37.83
N ARG B 515 -46.02 4.44 37.48
CA ARG B 515 -46.94 5.04 38.42
C ARG B 515 -47.07 4.23 39.69
N HIS B 516 -47.18 2.94 39.52
CA HIS B 516 -47.32 2.01 40.65
C HIS B 516 -46.12 2.11 41.60
N LEU B 517 -44.91 2.02 41.03
CA LEU B 517 -43.69 1.97 41.82
C LEU B 517 -43.48 3.26 42.59
N ILE B 518 -43.94 4.37 42.00
CA ILE B 518 -43.92 5.66 42.68
C ILE B 518 -44.96 5.61 43.79
N ASP B 519 -46.18 5.15 43.47
CA ASP B 519 -47.25 5.09 44.47
C ASP B 519 -46.84 4.30 45.67
N GLU B 520 -46.42 3.06 45.44
CA GLU B 520 -46.03 2.15 46.53
C GLU B 520 -44.70 2.54 47.19
N GLY B 521 -43.92 3.39 46.55
CA GLY B 521 -42.60 3.71 47.08
C GLY B 521 -41.56 2.59 47.01
N LYS B 522 -41.74 1.67 46.06
CA LYS B 522 -40.83 0.57 45.86
C LYS B 522 -39.57 1.17 45.28
N PRO B 523 -38.40 0.81 45.82
CA PRO B 523 -37.21 1.33 45.19
C PRO B 523 -37.12 0.84 43.76
N PHE B 524 -36.77 1.74 42.85
CA PHE B 524 -36.57 1.37 41.46
C PHE B 524 -35.57 2.21 40.71
N MET B 525 -35.18 1.70 39.56
CA MET B 525 -34.26 2.32 38.66
C MET B 525 -34.82 2.22 37.27
N ALA B 526 -34.98 3.35 36.59
CA ALA B 526 -35.44 3.36 35.19
C ALA B 526 -34.33 3.78 34.23
N VAL B 527 -34.39 3.28 33.02
CA VAL B 527 -33.29 3.34 32.08
C VAL B 527 -33.85 3.60 30.67
N CYS B 528 -33.10 4.32 29.83
CA CYS B 528 -33.52 4.79 28.47
C CYS B 528 -35.06 5.04 28.35
N LEU B 529 -35.76 4.24 27.56
CA LEU B 529 -37.19 4.44 27.40
C LEU B 529 -37.85 4.63 28.74
N SER B 530 -37.56 3.76 29.68
CA SER B 530 -38.26 3.81 30.95
C SER B 530 -37.95 5.13 31.62
N HIS B 531 -36.72 5.58 31.51
CA HIS B 531 -36.35 6.85 32.10
C HIS B 531 -37.11 8.01 31.44
N GLN B 532 -37.36 7.92 30.15
CA GLN B 532 -38.10 8.96 29.48
C GLN B 532 -39.50 8.96 30.01
N ILE B 533 -40.07 7.79 30.17
CA ILE B 533 -41.45 7.73 30.64
C ILE B 533 -41.53 8.32 32.06
N LEU B 534 -40.52 8.03 32.89
CA LEU B 534 -40.51 8.58 34.24
C LEU B 534 -40.57 10.10 34.15
N ASN B 535 -39.78 10.67 33.26
CA ASN B 535 -39.76 12.11 33.13
C ASN B 535 -41.17 12.61 32.83
N ALA B 536 -41.81 11.98 31.85
CA ALA B 536 -43.12 12.47 31.42
C ALA B 536 -44.04 12.45 32.61
N ILE B 537 -43.94 11.41 33.42
CA ILE B 537 -44.82 11.24 34.56
C ILE B 537 -44.59 12.32 35.57
N LEU B 538 -43.33 12.66 35.81
CA LEU B 538 -43.03 13.69 36.77
C LEU B 538 -43.31 15.05 36.20
N GLY B 539 -43.72 15.13 34.93
CA GLY B 539 -44.06 16.41 34.29
C GLY B 539 -42.94 17.18 33.58
N ILE B 540 -41.80 16.56 33.32
CA ILE B 540 -40.73 17.17 32.50
C ILE B 540 -40.98 16.86 31.02
N PRO B 541 -40.85 17.86 30.12
CA PRO B 541 -41.20 17.54 28.72
C PRO B 541 -40.25 16.63 28.00
N LEU B 542 -40.78 15.80 27.10
CA LEU B 542 -39.97 15.02 26.19
C LEU B 542 -39.99 15.70 24.82
N VAL B 543 -38.86 15.63 24.13
CA VAL B 543 -38.72 16.12 22.78
C VAL B 543 -37.85 15.15 22.05
N ARG B 544 -37.67 15.43 20.76
CA ARG B 544 -36.91 14.58 19.87
C ARG B 544 -35.71 15.37 19.40
N ARG B 545 -34.51 14.82 19.51
CA ARG B 545 -33.30 15.53 19.11
C ARG B 545 -33.24 15.88 17.63
N GLU B 546 -32.57 16.98 17.28
CA GLU B 546 -32.41 17.30 15.87
C GLU B 546 -31.57 16.17 15.26
N VAL B 547 -30.59 15.71 16.02
CA VAL B 547 -29.75 14.63 15.55
C VAL B 547 -29.68 13.50 16.56
N PRO B 548 -30.16 12.32 16.18
CA PRO B 548 -30.19 11.23 17.16
C PRO B 548 -28.79 10.74 17.54
N ASN B 549 -28.62 10.41 18.82
CA ASN B 549 -27.42 9.80 19.30
C ASN B 549 -27.41 8.34 18.96
N GLN B 550 -26.33 7.87 18.35
CA GLN B 550 -26.35 6.50 17.84
C GLN B 550 -25.09 5.73 18.23
N GLY B 551 -24.91 5.59 19.53
CA GLY B 551 -23.71 5.01 20.09
C GLY B 551 -22.55 5.98 20.10
N ILE B 552 -22.68 7.07 20.86
CA ILE B 552 -21.62 8.03 21.11
C ILE B 552 -21.27 7.89 22.59
N GLN B 553 -20.01 8.05 22.93
CA GLN B 553 -19.65 8.29 24.30
C GLN B 553 -19.64 9.80 24.49
N VAL B 554 -20.18 10.26 25.62
CA VAL B 554 -20.20 11.68 25.95
C VAL B 554 -19.71 11.79 27.38
N GLU B 555 -18.89 12.82 27.71
CA GLU B 555 -18.61 13.11 29.12
C GLU B 555 -19.76 13.95 29.70
N ILE B 556 -20.40 13.48 30.75
CA ILE B 556 -21.47 14.23 31.43
C ILE B 556 -21.12 14.47 32.91
N ASP B 557 -21.87 15.38 33.53
CA ASP B 557 -21.81 15.61 34.96
C ASP B 557 -22.97 14.87 35.60
N LEU B 558 -22.70 13.72 36.19
CA LEU B 558 -23.67 12.92 36.90
C LEU B 558 -23.53 13.25 38.38
N PHE B 559 -24.38 14.17 38.82
CA PHE B 559 -24.43 14.56 40.24
C PHE B 559 -23.07 14.82 40.89
N GLY B 560 -22.26 15.67 40.29
CA GLY B 560 -21.01 16.06 40.92
C GLY B 560 -19.79 15.27 40.51
N GLN B 561 -19.95 14.04 40.03
CA GLN B 561 -18.82 13.30 39.45
C GLN B 561 -18.95 13.25 37.92
N ARG B 562 -17.86 13.55 37.22
CA ARG B 562 -17.81 13.45 35.77
C ARG B 562 -17.72 11.99 35.35
N GLU B 563 -18.47 11.61 34.31
CA GLU B 563 -18.56 10.24 33.82
C GLU B 563 -18.64 10.23 32.31
N ARG B 564 -18.14 9.17 31.70
CA ARG B 564 -18.10 9.01 30.26
C ARG B 564 -19.06 7.90 29.95
N VAL B 565 -20.11 8.17 29.20
CA VAL B 565 -21.17 7.19 29.05
C VAL B 565 -21.71 7.12 27.62
N GLY B 566 -22.34 5.98 27.29
CA GLY B 566 -22.74 5.73 25.93
C GLY B 566 -24.17 6.13 25.73
N PHE B 567 -24.48 6.95 24.72
CA PHE B 567 -25.85 7.35 24.40
C PHE B 567 -26.38 6.75 23.07
N TYR B 568 -27.65 6.36 23.06
CA TYR B 568 -28.30 5.79 21.87
C TYR B 568 -29.68 6.41 21.61
N ASN B 569 -30.01 7.45 22.32
CA ASN B 569 -31.35 7.97 22.26
C ASN B 569 -31.69 8.90 21.10
N THR B 570 -32.91 8.77 20.59
CA THR B 570 -33.51 9.65 19.58
C THR B 570 -34.31 10.77 20.22
N TYR B 571 -34.89 10.44 21.38
CA TYR B 571 -35.73 11.32 22.16
C TYR B 571 -35.05 11.67 23.47
N VAL B 572 -35.50 12.74 24.11
CA VAL B 572 -34.89 13.11 25.37
C VAL B 572 -35.82 14.03 26.16
N ALA B 573 -35.73 13.96 27.48
CA ALA B 573 -36.38 14.93 28.39
C ALA B 573 -35.57 16.22 28.43
N GLN B 574 -36.23 17.33 28.63
CA GLN B 574 -35.62 18.64 28.49
C GLN B 574 -36.23 19.65 29.48
N THR B 575 -35.39 20.26 30.29
CA THR B 575 -35.80 21.17 31.30
C THR B 575 -34.69 22.19 31.66
N VAL B 576 -35.13 23.37 32.09
CA VAL B 576 -34.18 24.38 32.58
C VAL B 576 -33.82 24.16 34.04
N ARG B 577 -34.49 23.23 34.70
CA ARG B 577 -34.46 23.10 36.15
C ARG B 577 -33.46 22.05 36.58
N ASP B 578 -32.71 22.35 37.63
CA ASP B 578 -31.76 21.40 38.22
C ASP B 578 -32.37 20.60 39.33
N GLU B 579 -33.60 20.94 39.68
CA GLU B 579 -34.23 20.33 40.84
C GLU B 579 -35.70 20.62 40.75
N MET B 580 -36.54 19.77 41.33
CA MET B 580 -37.95 20.10 41.42
C MET B 580 -38.68 19.33 42.50
N ASP B 581 -39.67 19.98 43.12
CA ASP B 581 -40.61 19.31 43.99
C ASP B 581 -41.78 18.85 43.15
N VAL B 582 -42.10 17.57 43.29
CA VAL B 582 -43.20 16.98 42.56
C VAL B 582 -44.27 16.60 43.56
N ASP B 583 -45.51 16.95 43.22
CA ASP B 583 -46.68 16.81 44.11
C ASP B 583 -46.69 15.56 45.03
N GLY B 584 -46.99 14.39 44.47
CA GLY B 584 -47.08 13.17 45.28
C GLY B 584 -45.72 12.74 45.81
N VAL B 585 -44.70 12.96 44.99
CA VAL B 585 -43.44 12.25 45.08
C VAL B 585 -42.46 12.87 46.09
N GLY B 586 -42.25 14.17 45.96
CA GLY B 586 -41.21 14.89 46.71
C GLY B 586 -40.12 15.54 45.88
N THR B 587 -38.89 15.60 46.42
CA THR B 587 -37.78 16.29 45.75
C THR B 587 -36.97 15.41 44.80
N VAL B 588 -36.99 15.79 43.52
CA VAL B 588 -36.24 15.10 42.51
C VAL B 588 -35.06 15.95 42.06
N ALA B 589 -33.85 15.40 42.19
CA ALA B 589 -32.62 16.00 41.66
C ALA B 589 -32.51 15.71 40.18
N ILE B 590 -32.25 16.73 39.37
CA ILE B 590 -32.04 16.52 37.93
C ILE B 590 -30.61 16.75 37.48
N SER B 591 -30.00 15.75 36.89
CA SER B 591 -28.76 15.91 36.16
C SER B 591 -28.99 16.07 34.66
N ARG B 592 -28.51 17.19 34.11
CA ARG B 592 -28.82 17.67 32.73
C ARG B 592 -27.63 18.40 32.11
N ASP B 593 -27.55 18.45 30.78
CA ASP B 593 -26.62 19.32 30.11
C ASP B 593 -27.22 20.71 30.17
N PRO B 594 -26.62 21.63 30.93
CA PRO B 594 -27.16 22.99 31.05
C PRO B 594 -27.13 23.87 29.79
N ARG B 595 -26.41 23.43 28.77
CA ARG B 595 -26.30 24.15 27.51
C ARG B 595 -27.53 23.88 26.66
N THR B 596 -28.11 22.69 26.81
CA THR B 596 -29.24 22.27 26.01
C THR B 596 -30.46 21.91 26.77
N GLY B 597 -30.34 21.75 28.08
CA GLY B 597 -31.44 21.33 28.94
C GLY B 597 -31.70 19.82 28.93
N GLU B 598 -30.93 19.02 28.18
CA GLU B 598 -31.23 17.58 28.04
C GLU B 598 -30.95 16.88 29.31
N VAL B 599 -31.90 16.10 29.79
CA VAL B 599 -31.74 15.44 31.07
C VAL B 599 -31.00 14.13 30.91
N HIS B 600 -30.00 13.93 31.74
CA HIS B 600 -29.21 12.66 31.72
C HIS B 600 -29.65 11.64 32.77
N ALA B 601 -29.96 12.10 33.96
CA ALA B 601 -30.33 11.21 35.05
C ALA B 601 -31.25 11.94 36.07
N LEU B 602 -32.20 11.20 36.66
CA LEU B 602 -32.96 11.70 37.80
C LEU B 602 -32.59 10.93 39.07
N ARG B 603 -32.64 11.63 40.19
CA ARG B 603 -32.52 11.01 41.49
C ARG B 603 -33.63 11.51 42.39
N GLY B 604 -34.51 10.60 42.76
CA GLY B 604 -35.63 10.93 43.63
C GLY B 604 -35.49 10.19 44.94
N PRO B 605 -36.49 10.37 45.81
CA PRO B 605 -36.42 9.81 47.14
C PRO B 605 -36.38 8.27 47.17
N THR B 606 -37.09 7.63 46.25
CA THR B 606 -37.15 6.14 46.25
C THR B 606 -36.58 5.50 45.01
N PHE B 607 -35.94 6.29 44.17
CA PHE B 607 -35.60 5.82 42.85
C PHE B 607 -34.49 6.63 42.21
N SER B 608 -33.97 6.08 41.11
CA SER B 608 -33.00 6.75 40.31
C SER B 608 -33.16 6.33 38.84
N SER B 609 -32.72 7.14 37.89
CA SER B 609 -32.91 6.85 36.47
C SER B 609 -31.81 7.46 35.62
N MET B 610 -31.70 6.97 34.37
CA MET B 610 -30.58 7.32 33.46
C MET B 610 -31.01 7.21 32.02
N GLN B 611 -30.66 8.22 31.24
CA GLN B 611 -30.94 8.21 29.81
C GLN B 611 -29.92 7.34 29.04
N PHE B 612 -28.73 7.19 29.65
CA PHE B 612 -27.67 6.50 28.95
C PHE B 612 -27.63 4.99 29.22
N HIS B 613 -26.89 4.25 28.41
CA HIS B 613 -26.69 2.84 28.65
C HIS B 613 -25.48 2.57 29.51
N ALA B 614 -25.68 2.45 30.82
CA ALA B 614 -24.56 2.10 31.65
C ALA B 614 -23.87 0.83 31.12
N GLU B 615 -24.60 -0.04 30.43
CA GLU B 615 -24.07 -1.37 30.06
C GLU B 615 -23.35 -1.45 28.72
N SER B 616 -23.32 -0.34 28.00
CA SER B 616 -22.73 -0.29 26.68
C SER B 616 -21.24 -0.41 26.78
N VAL B 617 -20.67 -0.91 25.68
CA VAL B 617 -19.24 -0.98 25.60
C VAL B 617 -18.70 0.45 25.63
N LEU B 618 -19.53 1.44 25.38
CA LEU B 618 -19.07 2.82 25.27
C LEU B 618 -19.04 3.52 26.64
N THR B 619 -19.44 2.85 27.72
CA THR B 619 -19.53 3.52 29.03
C THR B 619 -18.37 3.12 29.86
N VAL B 620 -17.84 4.04 30.68
CA VAL B 620 -16.75 3.71 31.61
C VAL B 620 -17.34 3.58 33.01
N ASP B 621 -16.97 2.50 33.68
CA ASP B 621 -17.38 2.16 35.02
C ASP B 621 -18.87 1.96 35.12
N GLY B 622 -19.46 1.36 34.10
CA GLY B 622 -20.89 1.06 34.12
C GLY B 622 -21.36 0.32 35.36
N PRO B 623 -20.76 -0.81 35.65
CA PRO B 623 -21.17 -1.56 36.84
C PRO B 623 -21.23 -0.66 38.07
N ARG B 624 -20.23 0.19 38.26
CA ARG B 624 -20.28 1.17 39.37
C ARG B 624 -21.45 2.18 39.28
N ILE B 625 -21.75 2.62 38.07
CA ILE B 625 -22.80 3.58 37.88
C ILE B 625 -24.12 2.92 38.31
N LEU B 626 -24.39 1.73 37.79
CA LEU B 626 -25.62 0.99 38.14
C LEU B 626 -25.66 0.78 39.65
N GLY B 627 -24.51 0.39 40.19
CA GLY B 627 -24.35 0.25 41.62
C GLY B 627 -24.75 1.49 42.40
N GLU B 628 -24.22 2.63 42.01
CA GLU B 628 -24.53 3.83 42.72
C GLU B 628 -26.01 4.19 42.63
N ALA B 629 -26.61 4.00 41.45
CA ALA B 629 -28.03 4.29 41.26
C ALA B 629 -28.92 3.39 42.15
N ILE B 630 -28.66 2.07 42.17
CA ILE B 630 -29.45 1.15 42.98
C ILE B 630 -29.28 1.52 44.44
N THR B 631 -28.04 1.64 44.86
CA THR B 631 -27.75 2.03 46.21
C THR B 631 -28.56 3.23 46.61
N HIS B 632 -28.61 4.25 45.75
CA HIS B 632 -29.40 5.43 46.08
C HIS B 632 -30.89 5.14 46.15
N ALA B 633 -31.42 4.37 45.21
CA ALA B 633 -32.85 4.05 45.21
C ALA B 633 -33.27 3.34 46.51
N ILE B 634 -32.34 2.59 47.09
CA ILE B 634 -32.57 1.66 48.18
C ILE B 634 -32.21 2.27 49.53
N ARG B 635 -31.56 3.44 49.53
CA ARG B 635 -31.15 4.10 50.76
C ARG B 635 -32.27 4.36 51.75
N ARG B 636 -33.48 4.70 51.28
CA ARG B 636 -34.48 5.28 52.19
C ARG B 636 -34.72 4.54 53.54
N GLU B 637 -34.44 3.24 53.63
CA GLU B 637 -34.35 2.61 54.98
C GLU B 637 -33.30 3.31 55.87
#